data_8RJW
#
_entry.id   8RJW
#
_cell.length_a   1.00
_cell.length_b   1.00
_cell.length_c   1.00
_cell.angle_alpha   90.00
_cell.angle_beta   90.00
_cell.angle_gamma   90.00
#
_symmetry.space_group_name_H-M   'P 1'
#
loop_
_entity.id
_entity.type
_entity.pdbx_description
1 polymer 'DNA repair protein RAD52 homolog'
2 polymer ssDNA
3 non-polymer 'MAGNESIUM ION'
4 water water
#
loop_
_entity_poly.entity_id
_entity_poly.type
_entity_poly.pdbx_seq_one_letter_code
_entity_poly.pdbx_strand_id
1 'polypeptide(L)'
;MSGTEEAILGGRDSHPAAGGGSVLCFGQCQYTAEEYQAIQKALRQRLGPEYISSRMAGGGQKVCYIEGHRVINLANEMFG
YNGWAHSITQQNVDFVDLNNGKFYVGVCAFVRVQLKDGSYHEDVGYGVSEGLKSKALSLEKARKEAVTDGLKRALRSFGN
ALGNCILDKDYLRSLNKLPRQLPLEVDLTKAKRQDLEPSVEEARYNSCRPNMALGHPQLQQVTSPSRPSHAVIPADQDCS
SRSLSSSAVESEATHQRKLRQKQLQQQFRERMEKQQVRVSTPSAEKSEAAPPAPPVTHSTPVTVSEPLLEKDFLAGVTQE
LIKTLEDNSEKWAVTPDAGDGVVKPSSRADPAQTSDTLALNNQMVTQNRTPHSVCHQKPQAKSGSWDLQTYSADQRTTGN
WESHRKSQDMKKRKYDPS
;
A,B,C,D,E,F,G,H,I
2 'polydeoxyribonucleotide'
;(DT)(DT)(DT)(DT)(DT)(DT)(DT)(DT)(DT)(DT)(DT)(DT)(DT)(DT)(DT)(DT)(DT)(DT)(DT)(DT)
(DT)(DT)(DT)
;
J
#
loop_
_chem_comp.id
_chem_comp.type
_chem_comp.name
_chem_comp.formula
DT DNA linking THYMIDINE-5'-MONOPHOSPHATE 'C10 H15 N2 O8 P'
MG non-polymer 'MAGNESIUM ION' 'Mg 2'
#
# COMPACT_ATOMS: atom_id res chain seq x y z
N ALA A 33 28.81 35.73 16.39
CA ALA A 33 29.40 34.56 17.09
C ALA A 33 29.49 34.83 18.59
N GLU A 34 30.05 35.99 18.95
CA GLU A 34 30.22 36.32 20.37
C GLU A 34 28.89 36.26 21.11
N GLU A 35 27.79 36.58 20.42
CA GLU A 35 26.48 36.51 21.07
C GLU A 35 26.18 35.09 21.54
N TYR A 36 26.63 34.07 20.79
CA TYR A 36 26.38 32.70 21.19
C TYR A 36 27.06 32.38 22.52
N GLN A 37 28.34 32.72 22.65
CA GLN A 37 29.03 32.48 23.91
C GLN A 37 28.41 33.29 25.04
N ALA A 38 28.05 34.55 24.76
CA ALA A 38 27.43 35.38 25.79
C ALA A 38 26.15 34.74 26.30
N ILE A 39 25.27 34.31 25.39
CA ILE A 39 24.00 33.73 25.79
C ILE A 39 24.23 32.41 26.53
N GLN A 40 25.14 31.58 26.03
CA GLN A 40 25.40 30.30 26.68
C GLN A 40 25.89 30.51 28.10
N LYS A 41 26.81 31.45 28.31
CA LYS A 41 27.29 31.74 29.65
C LYS A 41 26.16 32.29 30.52
N ALA A 42 25.31 33.14 29.94
CA ALA A 42 24.20 33.70 30.71
C ALA A 42 23.24 32.62 31.18
N LEU A 43 22.96 31.63 30.32
CA LEU A 43 22.03 30.57 30.65
C LEU A 43 22.60 29.63 31.71
N TYR A 65 8.54 27.80 43.57
CA TYR A 65 8.34 27.89 42.13
C TYR A 65 8.81 29.24 41.60
N ILE A 66 8.46 29.55 40.36
CA ILE A 66 8.86 30.78 39.71
C ILE A 66 7.61 31.50 39.21
N GLU A 67 7.52 32.79 39.49
CA GLU A 67 6.37 33.58 39.06
C GLU A 67 6.30 33.67 37.55
N GLY A 68 5.09 33.66 37.02
CA GLY A 68 4.86 33.56 35.59
C GLY A 68 5.55 34.60 34.74
N HIS A 69 5.13 35.87 34.84
CA HIS A 69 5.62 36.89 33.93
C HIS A 69 7.12 37.11 34.05
N ARG A 70 7.73 36.73 35.17
CA ARG A 70 9.17 36.87 35.30
C ARG A 70 9.91 36.00 34.28
N VAL A 71 9.38 34.82 33.99
CA VAL A 71 10.02 33.96 33.01
C VAL A 71 9.89 34.54 31.60
N ILE A 72 8.74 35.12 31.28
CA ILE A 72 8.58 35.75 29.97
C ILE A 72 9.50 36.96 29.85
N ASN A 73 9.69 37.70 30.94
CA ASN A 73 10.67 38.78 30.92
C ASN A 73 12.09 38.24 30.74
N LEU A 74 12.40 37.13 31.40
CA LEU A 74 13.72 36.52 31.26
C LEU A 74 13.98 36.12 29.82
N ALA A 75 13.01 35.45 29.19
CA ALA A 75 13.15 35.07 27.79
C ALA A 75 13.29 36.31 26.92
N ASN A 76 12.57 37.37 27.27
CA ASN A 76 12.69 38.61 26.50
C ASN A 76 14.09 39.20 26.60
N GLU A 77 14.69 39.16 27.79
CA GLU A 77 16.04 39.68 27.95
C GLU A 77 17.09 38.76 27.37
N MET A 78 16.96 37.44 27.61
CA MET A 78 17.98 36.50 27.18
C MET A 78 18.09 36.46 25.67
N PHE A 79 16.96 36.41 24.96
CA PHE A 79 16.95 36.25 23.52
C PHE A 79 16.42 37.45 22.77
N GLY A 80 15.67 38.33 23.42
CA GLY A 80 15.18 39.53 22.76
C GLY A 80 13.72 39.41 22.36
N TYR A 81 13.11 40.56 22.09
CA TYR A 81 11.70 40.59 21.77
C TYR A 81 11.40 39.88 20.46
N ASN A 82 12.36 39.84 19.54
CA ASN A 82 12.19 39.20 18.24
C ASN A 82 13.06 37.97 18.08
N GLY A 83 13.48 37.35 19.18
CA GLY A 83 14.37 36.22 19.13
C GLY A 83 13.73 34.89 19.42
N TRP A 84 12.44 34.89 19.77
CA TRP A 84 11.78 33.66 20.17
C TRP A 84 10.29 33.76 19.86
N ALA A 85 9.64 32.61 19.80
CA ALA A 85 8.20 32.54 19.56
C ALA A 85 7.67 31.23 20.10
N HIS A 86 6.35 31.16 20.23
CA HIS A 86 5.69 29.97 20.76
C HIS A 86 4.36 29.78 20.06
N SER A 87 3.84 28.56 20.14
CA SER A 87 2.57 28.23 19.53
C SER A 87 2.00 27.00 20.24
N ILE A 88 0.69 26.86 20.16
CA ILE A 88 -0.04 25.78 20.82
C ILE A 88 -0.33 24.70 19.80
N THR A 89 -0.02 23.46 20.13
CA THR A 89 -0.11 22.35 19.19
C THR A 89 -1.32 21.46 19.43
N GLN A 90 -1.50 20.96 20.65
CA GLN A 90 -2.58 20.06 20.98
C GLN A 90 -3.24 20.48 22.29
N GLN A 91 -4.56 20.35 22.35
CA GLN A 91 -5.33 20.61 23.54
C GLN A 91 -6.28 19.44 23.78
N ASN A 92 -6.53 19.15 25.05
CA ASN A 92 -7.36 18.01 25.42
C ASN A 92 -8.03 18.28 26.75
N VAL A 93 -9.12 17.56 26.99
CA VAL A 93 -9.89 17.67 28.22
C VAL A 93 -10.04 16.26 28.78
N ASP A 94 -9.80 16.11 30.08
CA ASP A 94 -9.65 14.77 30.66
C ASP A 94 -10.97 14.20 31.18
N PHE A 95 -11.60 14.86 32.14
CA PHE A 95 -12.64 14.24 32.94
C PHE A 95 -13.90 15.10 32.95
N VAL A 96 -14.92 14.57 33.64
CA VAL A 96 -16.29 15.06 33.59
C VAL A 96 -16.46 16.36 34.36
N ASP A 97 -17.60 17.00 34.19
CA ASP A 97 -17.86 18.34 34.71
C ASP A 97 -19.22 18.35 35.41
N LEU A 98 -19.43 19.38 36.24
CA LEU A 98 -20.70 19.60 36.92
C LEU A 98 -21.08 18.41 37.80
N ASN A 99 -20.26 18.21 38.83
CA ASN A 99 -20.49 17.15 39.83
C ASN A 99 -20.76 17.82 41.17
N ASN A 100 -21.91 17.49 41.76
CA ASN A 100 -22.32 18.04 43.05
C ASN A 100 -22.33 19.56 43.04
N GLY A 101 -22.87 20.14 41.97
CA GLY A 101 -22.89 21.59 41.82
C GLY A 101 -21.58 22.17 41.33
N LYS A 102 -20.47 21.83 41.98
CA LYS A 102 -19.17 22.31 41.56
C LYS A 102 -18.70 21.55 40.32
N PHE A 103 -17.67 22.09 39.67
CA PHE A 103 -17.09 21.48 38.48
C PHE A 103 -15.68 21.01 38.78
N TYR A 104 -15.29 19.92 38.11
CA TYR A 104 -13.89 19.49 38.03
C TYR A 104 -13.51 19.47 36.57
N VAL A 105 -12.54 20.30 36.18
CA VAL A 105 -12.11 20.41 34.79
C VAL A 105 -10.62 20.13 34.72
N GLY A 106 -10.21 19.30 33.78
CA GLY A 106 -8.81 19.02 33.54
C GLY A 106 -8.43 19.18 32.08
N VAL A 107 -7.52 20.11 31.79
CA VAL A 107 -7.09 20.38 30.43
C VAL A 107 -5.57 20.28 30.37
N CYS A 108 -5.06 19.58 29.37
CA CYS A 108 -3.64 19.40 29.15
C CYS A 108 -3.28 19.92 27.77
N ALA A 109 -2.18 20.66 27.69
CA ALA A 109 -1.79 21.34 26.45
C ALA A 109 -0.33 21.04 26.13
N PHE A 110 -0.02 21.07 24.84
CA PHE A 110 1.33 20.93 24.33
C PHE A 110 1.75 22.26 23.73
N VAL A 111 2.88 22.80 24.19
CA VAL A 111 3.36 24.10 23.75
C VAL A 111 4.76 23.93 23.16
N ARG A 112 5.00 24.60 22.04
CA ARG A 112 6.27 24.50 21.32
C ARG A 112 6.89 25.89 21.22
N VAL A 113 8.08 26.03 21.78
CA VAL A 113 8.83 27.28 21.77
C VAL A 113 10.00 27.11 20.80
N GLN A 114 10.13 28.05 19.86
CA GLN A 114 11.11 27.96 18.79
C GLN A 114 11.84 29.28 18.62
N LEU A 115 13.17 29.23 18.53
CA LEU A 115 14.00 30.41 18.41
C LEU A 115 14.16 30.81 16.95
N LYS A 116 14.88 31.91 16.71
CA LYS A 116 15.06 32.40 15.35
C LYS A 116 15.86 31.42 14.51
N ASP A 117 16.94 30.87 15.05
CA ASP A 117 17.78 29.96 14.28
C ASP A 117 17.01 28.71 13.86
N GLY A 118 16.22 28.15 14.77
CA GLY A 118 15.43 26.98 14.45
C GLY A 118 15.29 26.00 15.60
N SER A 119 16.03 26.23 16.67
CA SER A 119 15.90 25.36 17.84
C SER A 119 14.51 25.53 18.45
N TYR A 120 14.03 24.47 19.08
CA TYR A 120 12.71 24.47 19.67
C TYR A 120 12.64 23.41 20.76
N HIS A 121 11.61 23.53 21.61
CA HIS A 121 11.34 22.53 22.64
C HIS A 121 9.84 22.45 22.86
N GLU A 122 9.34 21.23 23.03
CA GLU A 122 7.93 20.97 23.28
C GLU A 122 7.76 20.33 24.65
N ASP A 123 6.86 20.89 25.45
CA ASP A 123 6.57 20.36 26.77
C ASP A 123 5.06 20.40 27.00
N VAL A 124 4.64 19.70 28.05
CA VAL A 124 3.23 19.48 28.35
C VAL A 124 2.83 20.32 29.55
N GLY A 125 1.74 21.08 29.40
CA GLY A 125 1.12 21.78 30.51
C GLY A 125 -0.04 20.98 31.08
N TYR A 126 -0.73 21.61 32.04
CA TYR A 126 -1.90 20.99 32.64
C TYR A 126 -2.68 22.05 33.39
N GLY A 127 -3.99 21.89 33.42
CA GLY A 127 -4.86 22.86 34.07
C GLY A 127 -5.96 22.21 34.88
N VAL A 128 -6.26 22.77 36.04
CA VAL A 128 -7.26 22.22 36.94
C VAL A 128 -8.16 23.36 37.41
N SER A 129 -9.47 23.14 37.36
CA SER A 129 -10.46 24.07 37.89
C SER A 129 -11.36 23.32 38.85
N GLU A 130 -11.51 23.84 40.07
CA GLU A 130 -12.35 23.21 41.07
C GLU A 130 -12.99 24.29 41.93
N GLY A 131 -14.12 23.94 42.52
CA GLY A 131 -14.86 24.85 43.38
C GLY A 131 -15.84 25.74 42.64
N LEU A 132 -15.40 26.34 41.54
CA LEU A 132 -16.25 27.26 40.79
C LEU A 132 -17.46 26.49 40.25
N LYS A 133 -18.65 26.95 40.63
CA LYS A 133 -19.90 26.27 40.28
C LYS A 133 -20.48 26.84 38.99
N SER A 134 -19.73 26.67 37.90
CA SER A 134 -20.22 27.11 36.60
C SER A 134 -19.28 26.60 35.52
N LYS A 135 -19.86 26.18 34.39
CA LYS A 135 -19.06 25.80 33.24
C LYS A 135 -18.41 27.03 32.59
N ALA A 136 -19.11 28.16 32.60
CA ALA A 136 -18.60 29.37 31.97
C ALA A 136 -17.37 29.87 32.70
N LEU A 137 -16.34 30.23 31.94
CA LEU A 137 -15.08 30.78 32.45
C LEU A 137 -14.34 29.82 33.37
N SER A 138 -14.80 28.57 33.49
CA SER A 138 -14.08 27.57 34.26
C SER A 138 -13.13 26.77 33.37
N LEU A 139 -13.68 26.12 32.34
CA LEU A 139 -12.82 25.43 31.38
C LEU A 139 -11.86 26.42 30.72
N GLU A 140 -12.29 27.67 30.56
CA GLU A 140 -11.37 28.68 30.04
C GLU A 140 -10.22 28.92 31.02
N LYS A 141 -10.51 28.94 32.32
CA LYS A 141 -9.45 29.09 33.31
C LYS A 141 -8.49 27.93 33.26
N ALA A 142 -9.01 26.71 33.14
CA ALA A 142 -8.14 25.55 33.02
C ALA A 142 -7.28 25.63 31.76
N ARG A 143 -7.87 26.08 30.66
CA ARG A 143 -7.11 26.25 29.42
C ARG A 143 -5.96 27.22 29.60
N LYS A 144 -6.23 28.38 30.19
CA LYS A 144 -5.19 29.38 30.39
C LYS A 144 -4.09 28.86 31.30
N GLU A 145 -4.48 28.21 32.40
CA GLU A 145 -3.48 27.64 33.31
C GLU A 145 -2.62 26.60 32.61
N ALA A 146 -3.24 25.72 31.83
CA ALA A 146 -2.49 24.67 31.15
C ALA A 146 -1.51 25.27 30.15
N VAL A 147 -1.95 26.27 29.38
CA VAL A 147 -1.05 26.89 28.42
C VAL A 147 0.14 27.53 29.13
N THR A 148 -0.12 28.25 30.23
CA THR A 148 0.98 28.89 30.94
C THR A 148 1.96 27.87 31.51
N ASP A 149 1.44 26.80 32.10
CA ASP A 149 2.32 25.77 32.65
C ASP A 149 3.16 25.14 31.55
N GLY A 150 2.54 24.87 30.39
CA GLY A 150 3.30 24.33 29.28
C GLY A 150 4.40 25.26 28.80
N LEU A 151 4.10 26.55 28.72
CA LEU A 151 5.12 27.50 28.27
C LEU A 151 6.27 27.57 29.26
N LYS A 152 5.96 27.57 30.55
CA LYS A 152 7.03 27.57 31.55
C LYS A 152 7.89 26.32 31.44
N ARG A 153 7.27 25.15 31.26
CA ARG A 153 8.05 23.92 31.17
C ARG A 153 8.81 23.82 29.85
N ALA A 154 8.34 24.49 28.79
CA ALA A 154 9.08 24.50 27.54
C ALA A 154 10.30 25.41 27.61
N LEU A 155 10.17 26.60 28.20
CA LEU A 155 11.31 27.50 28.32
C LEU A 155 12.37 26.97 29.28
N ARG A 156 12.06 25.94 30.06
CA ARG A 156 12.98 25.47 31.08
C ARG A 156 14.14 24.68 30.48
N SER A 157 13.87 23.86 29.46
CA SER A 157 14.88 22.95 28.94
C SER A 157 16.04 23.69 28.29
N PHE A 158 15.90 24.98 28.00
CA PHE A 158 16.99 25.72 27.39
C PHE A 158 18.19 25.82 28.33
N GLY A 159 17.97 26.17 29.58
CA GLY A 159 19.07 26.33 30.51
C GLY A 159 18.61 26.74 31.88
N ASN A 160 19.58 26.92 32.77
CA ASN A 160 19.28 27.22 34.17
C ASN A 160 18.67 28.60 34.36
N ALA A 161 19.01 29.56 33.51
CA ALA A 161 18.52 30.92 33.69
C ALA A 161 17.02 31.01 33.50
N LEU A 162 16.37 29.98 32.96
CA LEU A 162 14.94 30.00 32.67
C LEU A 162 14.21 28.85 33.35
N GLY A 163 14.75 28.36 34.46
CA GLY A 163 14.09 27.28 35.18
C GLY A 163 15.05 26.34 35.89
N ASN A 164 14.93 25.05 35.61
CA ASN A 164 15.76 24.01 36.21
C ASN A 164 15.65 24.03 37.74
N CYS A 165 14.44 23.69 38.19
CA CYS A 165 14.18 23.60 39.61
C CYS A 165 15.07 22.55 40.25
N ILE A 166 15.36 22.74 41.54
CA ILE A 166 16.29 21.87 42.27
C ILE A 166 17.69 22.05 41.71
N CYS B 25 20.53 26.97 8.73
CA CYS B 25 19.48 26.87 9.78
C CYS B 25 19.52 25.51 10.46
N PHE B 26 18.67 25.32 11.46
CA PHE B 26 18.62 24.05 12.18
C PHE B 26 18.18 22.93 11.26
N GLY B 27 18.80 21.76 11.43
CA GLY B 27 18.51 20.60 10.62
C GLY B 27 19.29 20.51 9.33
N GLN B 28 20.06 21.54 8.98
CA GLN B 28 20.86 21.52 7.75
C GLN B 28 22.24 22.12 7.95
N CYS B 29 22.74 22.17 9.17
CA CYS B 29 24.08 22.69 9.47
C CYS B 29 25.01 21.53 9.78
N GLN B 30 26.14 21.46 9.08
CA GLN B 30 27.08 20.37 9.23
C GLN B 30 28.13 20.70 10.29
N TYR B 31 28.85 19.65 10.72
CA TYR B 31 29.87 19.77 11.74
C TYR B 31 31.25 19.83 11.10
N THR B 32 32.09 20.73 11.61
CA THR B 32 33.49 20.73 11.22
C THR B 32 34.20 19.52 11.82
N ALA B 33 35.38 19.21 11.28
CA ALA B 33 36.12 18.06 11.76
C ALA B 33 36.48 18.20 13.23
N GLU B 34 36.93 19.39 13.63
CA GLU B 34 37.32 19.60 15.01
C GLU B 34 36.13 19.44 15.96
N GLU B 35 34.98 20.02 15.60
CA GLU B 35 33.81 19.93 16.46
C GLU B 35 33.33 18.49 16.59
N TYR B 36 33.26 17.78 15.45
CA TYR B 36 32.82 16.39 15.51
C TYR B 36 33.77 15.53 16.32
N GLN B 37 35.07 15.72 16.14
CA GLN B 37 36.03 14.94 16.90
C GLN B 37 35.92 15.24 18.38
N ALA B 38 35.77 16.52 18.73
CA ALA B 38 35.66 16.91 20.14
C ALA B 38 34.43 16.28 20.78
N ILE B 39 33.29 16.33 20.10
CA ILE B 39 32.07 15.73 20.66
C ILE B 39 32.22 14.22 20.74
N GLN B 40 32.82 13.59 19.72
CA GLN B 40 33.00 12.16 19.74
C GLN B 40 33.84 11.71 20.92
N LYS B 41 34.90 12.47 21.23
CA LYS B 41 35.71 12.14 22.40
C LYS B 41 34.89 12.24 23.68
N ALA B 42 34.09 13.30 23.80
CA ALA B 42 33.41 13.59 25.07
C ALA B 42 32.38 12.51 25.40
N LEU B 43 31.55 12.14 24.42
CA LEU B 43 30.43 11.25 24.69
C LEU B 43 30.87 9.86 25.12
N ARG B 44 32.13 9.51 24.95
CA ARG B 44 32.62 8.20 25.38
C ARG B 44 32.92 8.15 26.87
N GLN B 45 33.03 9.29 27.54
CA GLN B 45 33.38 9.33 28.94
C GLN B 45 32.25 8.76 29.80
N ARG B 46 32.64 8.06 30.86
CA ARG B 46 31.68 7.57 31.85
C ARG B 46 31.46 8.65 32.91
N LEU B 47 30.44 8.43 33.74
CA LEU B 47 29.95 9.44 34.68
C LEU B 47 30.41 9.12 36.10
N GLY B 48 30.91 10.15 36.79
CA GLY B 48 31.41 9.97 38.13
C GLY B 48 30.31 9.90 39.17
N PRO B 49 30.71 9.69 40.42
CA PRO B 49 29.72 9.54 41.49
C PRO B 49 28.88 10.78 41.75
N GLU B 50 29.33 11.96 41.33
CA GLU B 50 28.58 13.18 41.57
C GLU B 50 27.32 13.28 40.74
N TYR B 51 27.12 12.36 39.78
CA TYR B 51 25.93 12.36 38.95
C TYR B 51 24.96 11.22 39.24
N ILE B 52 25.41 10.17 39.90
CA ILE B 52 24.60 8.98 40.11
C ILE B 52 23.86 9.10 41.44
N SER B 53 22.56 8.90 41.40
CA SER B 53 21.71 8.88 42.57
C SER B 53 21.43 7.42 42.97
N SER B 54 20.56 7.23 43.96
CA SER B 54 20.24 5.89 44.40
C SER B 54 18.90 5.89 45.13
N ARG B 55 18.37 4.69 45.36
CA ARG B 55 17.14 4.51 46.11
C ARG B 55 17.06 3.08 46.59
N MET B 56 16.03 2.80 47.39
CA MET B 56 15.83 1.47 47.94
C MET B 56 15.00 0.60 46.99
N GLN B 61 17.46 -4.60 44.77
CA GLN B 61 16.97 -3.77 45.86
C GLN B 61 17.36 -2.30 45.63
N LYS B 62 18.67 -2.03 45.72
CA LYS B 62 19.17 -0.70 45.46
C LYS B 62 19.19 -0.43 43.96
N VAL B 63 18.93 0.83 43.59
CA VAL B 63 18.87 1.25 42.20
C VAL B 63 19.73 2.50 42.05
N CYS B 64 20.16 2.77 40.82
CA CYS B 64 20.93 3.95 40.50
C CYS B 64 20.33 4.60 39.26
N TYR B 65 20.52 5.91 39.14
CA TYR B 65 19.94 6.63 38.01
C TYR B 65 20.57 8.01 37.95
N ILE B 66 20.08 8.83 37.02
CA ILE B 66 20.51 10.21 36.85
C ILE B 66 19.28 11.08 36.72
N GLU B 67 19.27 12.21 37.40
CA GLU B 67 18.10 13.07 37.42
C GLU B 67 17.90 13.76 36.09
N GLY B 68 16.67 14.26 35.87
CA GLY B 68 16.33 14.87 34.61
C GLY B 68 17.12 16.13 34.33
N HIS B 69 17.20 17.02 35.32
CA HIS B 69 17.94 18.26 35.12
C HIS B 69 19.42 17.99 34.90
N ARG B 70 19.95 16.93 35.51
CA ARG B 70 21.34 16.57 35.27
C ARG B 70 21.58 16.24 33.81
N VAL B 71 20.74 15.40 33.22
CA VAL B 71 20.92 15.05 31.82
C VAL B 71 20.64 16.24 30.92
N ILE B 72 19.69 17.10 31.27
CA ILE B 72 19.43 18.28 30.45
C ILE B 72 20.65 19.19 30.42
N ASN B 73 21.27 19.41 31.57
CA ASN B 73 22.47 20.26 31.61
C ASN B 73 23.64 19.59 30.92
N LEU B 74 23.75 18.26 31.03
CA LEU B 74 24.80 17.57 30.28
C LEU B 74 24.62 17.76 28.78
N ALA B 75 23.38 17.66 28.31
CA ALA B 75 23.11 17.87 26.89
C ALA B 75 23.43 19.30 26.48
N ASN B 76 23.08 20.28 27.31
CA ASN B 76 23.46 21.65 27.01
C ASN B 76 24.96 21.83 27.04
N GLU B 77 25.68 20.98 27.78
CA GLU B 77 27.14 21.05 27.78
C GLU B 77 27.73 20.49 26.50
N MET B 78 27.23 19.34 26.04
CA MET B 78 27.76 18.73 24.82
C MET B 78 27.40 19.56 23.59
N PHE B 79 26.11 19.69 23.32
CA PHE B 79 25.67 20.23 22.04
C PHE B 79 25.38 21.73 22.08
N GLY B 80 25.17 22.30 23.27
CA GLY B 80 24.93 23.72 23.40
C GLY B 80 23.45 24.06 23.46
N TYR B 81 23.18 25.32 23.78
CA TYR B 81 21.80 25.74 23.97
C TYR B 81 21.01 25.70 22.66
N ASN B 82 21.67 25.85 21.52
CA ASN B 82 21.02 25.85 20.22
C ASN B 82 21.55 24.72 19.35
N GLY B 83 21.85 23.59 19.96
CA GLY B 83 22.43 22.47 19.25
C GLY B 83 21.61 21.21 19.34
N TRP B 84 20.47 21.26 20.02
CA TRP B 84 19.60 20.11 20.14
C TRP B 84 18.17 20.59 20.28
N ALA B 85 17.24 19.67 20.02
CA ALA B 85 15.82 19.94 20.20
C ALA B 85 15.12 18.61 20.43
N HIS B 86 13.95 18.69 21.06
CA HIS B 86 13.13 17.52 21.28
C HIS B 86 11.66 17.90 21.08
N SER B 87 10.84 16.89 20.85
CA SER B 87 9.41 17.09 20.64
C SER B 87 8.67 15.84 21.06
N ILE B 88 7.36 15.97 21.18
CA ILE B 88 6.46 14.89 21.57
C ILE B 88 5.68 14.47 20.35
N THR B 89 5.65 13.16 20.08
CA THR B 89 4.94 12.62 18.94
C THR B 89 3.62 11.97 19.33
N GLN B 90 3.61 11.13 20.36
CA GLN B 90 2.42 10.38 20.74
C GLN B 90 2.34 10.30 22.24
N GLN B 91 1.24 10.76 22.82
CA GLN B 91 0.93 10.55 24.23
C GLN B 91 -0.45 9.93 24.32
N ASN B 92 -0.53 8.77 24.95
CA ASN B 92 -1.78 8.04 25.08
C ASN B 92 -1.97 7.59 26.52
N VAL B 93 -3.17 7.78 27.04
CA VAL B 93 -3.49 7.43 28.41
C VAL B 93 -3.85 5.96 28.45
N ASP B 94 -2.98 5.15 29.06
CA ASP B 94 -3.22 3.72 29.10
C ASP B 94 -4.46 3.37 29.91
N PHE B 95 -4.76 4.14 30.95
CA PHE B 95 -5.93 3.84 31.77
C PHE B 95 -6.12 4.94 32.80
N VAL B 96 -7.36 5.07 33.27
CA VAL B 96 -7.68 5.88 34.45
C VAL B 96 -8.63 5.04 35.30
N ASP B 97 -8.08 4.29 36.24
CA ASP B 97 -8.84 3.39 37.08
C ASP B 97 -9.06 4.01 38.45
N LEU B 98 -10.23 3.75 39.04
CA LEU B 98 -10.62 4.31 40.33
C LEU B 98 -11.06 3.18 41.24
N ASN B 99 -10.32 2.96 42.33
CA ASN B 99 -10.62 1.91 43.29
C ASN B 99 -10.44 2.47 44.69
N ASN B 100 -11.41 2.20 45.57
CA ASN B 100 -11.40 2.70 46.95
C ASN B 100 -11.22 4.21 46.99
N GLY B 101 -11.87 4.89 46.06
CA GLY B 101 -11.79 6.34 46.00
C GLY B 101 -10.39 6.82 45.68
N LYS B 102 -9.53 5.90 45.24
CA LYS B 102 -8.14 6.19 44.90
C LYS B 102 -7.91 5.89 43.44
N PHE B 103 -7.31 6.84 42.73
CA PHE B 103 -7.10 6.70 41.30
C PHE B 103 -5.78 5.99 41.00
N TYR B 104 -5.79 5.21 39.93
CA TYR B 104 -4.58 4.64 39.33
C TYR B 104 -4.56 5.06 37.87
N VAL B 105 -3.50 5.73 37.46
CA VAL B 105 -3.39 6.28 36.12
C VAL B 105 -2.07 5.83 35.51
N GLY B 106 -2.04 5.76 34.18
CA GLY B 106 -0.84 5.42 33.44
C GLY B 106 -0.80 6.08 32.09
N VAL B 107 0.30 6.77 31.77
CA VAL B 107 0.45 7.51 30.53
C VAL B 107 1.75 7.09 29.86
N CYS B 108 1.67 6.81 28.56
CA CYS B 108 2.82 6.41 27.75
C CYS B 108 3.08 7.47 26.71
N ALA B 109 4.34 7.87 26.55
CA ALA B 109 4.71 8.93 25.63
C ALA B 109 5.89 8.50 24.76
N PHE B 110 5.90 9.01 23.53
CA PHE B 110 7.00 8.81 22.58
C PHE B 110 7.63 10.17 22.35
N VAL B 111 8.93 10.28 22.62
CA VAL B 111 9.65 11.55 22.53
C VAL B 111 10.79 11.40 21.53
N ARG B 112 11.09 12.48 20.81
CA ARG B 112 12.04 12.46 19.71
C ARG B 112 13.03 13.60 19.88
N VAL B 113 14.32 13.27 19.84
CA VAL B 113 15.41 14.23 19.98
C VAL B 113 16.19 14.26 18.67
N GLN B 114 16.48 15.46 18.18
CA GLN B 114 17.28 15.63 16.97
C GLN B 114 18.34 16.71 17.19
N LEU B 115 19.40 16.62 16.39
CA LEU B 115 20.50 17.58 16.43
C LEU B 115 20.41 18.55 15.25
N LYS B 116 21.34 19.50 15.19
CA LYS B 116 21.35 20.44 14.08
C LYS B 116 21.70 19.75 12.77
N ASP B 117 22.58 18.76 12.81
CA ASP B 117 22.95 18.05 11.58
C ASP B 117 21.74 17.37 10.97
N GLY B 118 20.93 16.72 11.79
CA GLY B 118 19.75 16.04 11.30
C GLY B 118 19.50 14.71 12.00
N SER B 119 20.50 14.21 12.72
CA SER B 119 20.37 12.94 13.40
C SER B 119 19.30 13.04 14.49
N TYR B 120 18.72 11.88 14.83
CA TYR B 120 17.64 11.87 15.81
C TYR B 120 17.56 10.51 16.47
N HIS B 121 16.87 10.47 17.60
CA HIS B 121 16.58 9.23 18.32
C HIS B 121 15.19 9.36 18.93
N GLU B 122 14.50 8.23 19.09
CA GLU B 122 13.16 8.21 19.65
C GLU B 122 13.01 7.00 20.55
N ASP B 123 12.38 7.20 21.70
CA ASP B 123 12.14 6.13 22.64
C ASP B 123 10.84 6.40 23.40
N VAL B 124 10.44 5.42 24.20
CA VAL B 124 9.16 5.43 24.91
C VAL B 124 9.39 5.88 26.34
N GLY B 125 8.58 6.83 26.79
CA GLY B 125 8.58 7.27 28.18
C GLY B 125 7.25 6.93 28.83
N TYR B 126 7.27 6.71 30.14
CA TYR B 126 6.10 6.28 30.88
C TYR B 126 5.92 7.12 32.13
N GLY B 127 4.68 7.24 32.57
CA GLY B 127 4.34 7.94 33.80
C GLY B 127 3.32 7.18 34.62
N VAL B 128 3.55 7.07 35.92
CA VAL B 128 2.69 6.30 36.81
C VAL B 128 2.27 7.19 37.98
N SER B 129 0.97 7.24 38.24
CA SER B 129 0.43 7.91 39.42
C SER B 129 -0.48 6.94 40.15
N GLU B 130 -0.30 6.82 41.46
CA GLU B 130 -1.07 5.89 42.26
C GLU B 130 -1.33 6.47 43.64
N GLY B 131 -2.54 6.25 44.15
CA GLY B 131 -2.88 6.57 45.51
C GLY B 131 -3.50 7.95 45.71
N LEU B 132 -3.33 8.86 44.77
CA LEU B 132 -3.87 10.20 44.91
C LEU B 132 -5.36 10.18 44.61
N LYS B 133 -6.16 10.60 45.60
CA LYS B 133 -7.61 10.60 45.43
C LYS B 133 -8.09 11.67 44.46
N SER B 134 -7.26 12.65 44.13
CA SER B 134 -7.63 13.69 43.19
C SER B 134 -7.30 13.23 41.77
N LYS B 135 -8.31 13.23 40.91
CA LYS B 135 -8.12 12.75 39.54
C LYS B 135 -7.15 13.64 38.77
N ALA B 136 -7.36 14.95 38.86
CA ALA B 136 -6.54 15.89 38.09
C ALA B 136 -5.08 15.79 38.48
N LEU B 137 -4.80 15.63 39.78
CA LEU B 137 -3.42 15.53 40.22
C LEU B 137 -2.74 14.28 39.68
N SER B 138 -3.45 13.14 39.71
CA SER B 138 -2.87 11.93 39.15
C SER B 138 -2.58 12.10 37.67
N LEU B 139 -3.53 12.67 36.93
CA LEU B 139 -3.31 12.86 35.50
C LEU B 139 -2.15 13.80 35.22
N GLU B 140 -2.06 14.90 35.97
CA GLU B 140 -0.96 15.84 35.78
C GLU B 140 0.37 15.16 36.05
N LYS B 141 0.48 14.43 37.16
CA LYS B 141 1.72 13.76 37.49
C LYS B 141 2.12 12.79 36.39
N ALA B 142 1.20 11.92 35.96
CA ALA B 142 1.56 10.93 34.95
C ALA B 142 1.96 11.59 33.63
N ARG B 143 1.17 12.57 33.19
CA ARG B 143 1.45 13.23 31.92
C ARG B 143 2.80 13.93 31.94
N LYS B 144 3.12 14.62 33.04
CA LYS B 144 4.37 15.34 33.09
C LYS B 144 5.55 14.41 33.28
N GLU B 145 5.36 13.28 33.97
CA GLU B 145 6.46 12.35 34.19
C GLU B 145 6.82 11.59 32.93
N ALA B 146 5.82 11.26 32.10
CA ALA B 146 6.11 10.46 30.90
C ALA B 146 7.06 11.20 29.97
N VAL B 147 6.83 12.50 29.77
CA VAL B 147 7.66 13.27 28.84
C VAL B 147 9.11 13.27 29.29
N THR B 148 9.35 13.49 30.59
CA THR B 148 10.72 13.54 31.07
C THR B 148 11.37 12.17 31.06
N ASP B 149 10.63 11.10 31.39
CA ASP B 149 11.19 9.77 31.29
C ASP B 149 11.60 9.45 29.86
N GLY B 150 10.75 9.79 28.89
CA GLY B 150 11.09 9.55 27.51
C GLY B 150 12.26 10.40 27.04
N LEU B 151 12.34 11.66 27.49
CA LEU B 151 13.45 12.51 27.11
C LEU B 151 14.76 11.97 27.65
N LYS B 152 14.75 11.48 28.89
CA LYS B 152 15.95 10.84 29.43
C LYS B 152 16.33 9.61 28.62
N ARG B 153 15.35 8.77 28.28
CA ARG B 153 15.65 7.55 27.52
C ARG B 153 16.00 7.82 26.07
N ALA B 154 15.72 9.02 25.55
CA ALA B 154 16.11 9.36 24.19
C ALA B 154 17.55 9.85 24.12
N LEU B 155 17.93 10.73 25.05
CA LEU B 155 19.30 11.24 25.09
C LEU B 155 20.31 10.14 25.39
N ARG B 156 19.85 9.01 25.92
CA ARG B 156 20.78 7.98 26.34
C ARG B 156 21.53 7.37 25.17
N SER B 157 20.91 7.36 23.99
CA SER B 157 21.48 6.67 22.84
C SER B 157 22.63 7.44 22.18
N PHE B 158 22.86 8.71 22.55
CA PHE B 158 23.94 9.47 21.94
C PHE B 158 25.31 9.05 22.47
N GLY B 159 25.40 8.55 23.69
CA GLY B 159 26.69 8.13 24.21
C GLY B 159 26.63 7.84 25.69
N ASN B 160 27.82 7.61 26.26
CA ASN B 160 27.94 7.25 27.67
C ASN B 160 27.81 8.46 28.58
N ALA B 161 28.16 9.64 28.10
CA ALA B 161 28.07 10.84 28.92
C ALA B 161 26.65 11.25 29.24
N LEU B 162 25.66 10.63 28.60
CA LEU B 162 24.26 10.97 28.80
C LEU B 162 23.49 9.79 29.37
N GLY B 163 24.12 9.03 30.27
CA GLY B 163 23.45 8.02 31.05
C GLY B 163 23.58 6.61 30.54
N ASN B 164 24.08 6.41 29.33
CA ASN B 164 24.15 5.07 28.76
C ASN B 164 25.02 4.14 29.62
N CYS B 165 25.99 4.72 30.34
CA CYS B 165 26.89 3.90 31.14
C CYS B 165 26.20 3.27 32.34
N ILE B 166 25.10 3.87 32.82
CA ILE B 166 24.50 3.43 34.07
C ILE B 166 24.09 1.96 34.00
N LEU B 167 23.77 1.47 32.80
CA LEU B 167 23.39 0.07 32.66
C LEU B 167 24.57 -0.87 32.87
N ASP B 168 25.80 -0.37 32.80
CA ASP B 168 26.97 -1.22 32.95
C ASP B 168 27.04 -1.80 34.35
N LYS B 169 26.78 -3.11 34.48
CA LYS B 169 26.80 -3.72 35.80
C LYS B 169 28.18 -3.64 36.43
N ASP B 170 29.23 -3.86 35.64
CA ASP B 170 30.59 -3.76 36.16
C ASP B 170 30.90 -2.35 36.63
N TYR B 171 30.42 -1.34 35.91
CA TYR B 171 30.68 0.04 36.28
C TYR B 171 30.12 0.36 37.66
N LEU B 172 28.88 -0.08 37.92
CA LEU B 172 28.27 0.18 39.22
C LEU B 172 29.05 -0.49 40.33
N ARG B 173 29.52 -1.72 40.10
CA ARG B 173 30.33 -2.40 41.10
C ARG B 173 31.58 -1.60 41.41
N SER B 174 32.22 -1.02 40.39
CA SER B 174 33.40 -0.21 40.62
C SER B 174 33.08 1.03 41.43
N LEU B 175 32.04 1.78 41.03
CA LEU B 175 31.70 3.00 41.74
C LEU B 175 31.18 2.71 43.15
N ASN B 176 30.34 1.69 43.28
CA ASN B 176 29.77 1.35 44.59
C ASN B 176 30.77 0.57 45.43
N CYS C 25 23.29 17.06 4.56
CA CYS C 25 22.31 16.83 5.66
C CYS C 25 22.15 15.34 5.91
N PHE C 26 21.49 14.99 7.00
CA PHE C 26 21.22 13.58 7.28
C PHE C 26 20.23 13.03 6.26
N GLY C 27 20.53 11.83 5.76
CA GLY C 27 19.67 11.16 4.81
C GLY C 27 19.97 11.47 3.35
N GLN C 28 20.87 12.41 3.07
CA GLN C 28 21.26 12.68 1.70
C GLN C 28 22.75 12.94 1.55
N CYS C 29 23.57 12.47 2.49
CA CYS C 29 25.01 12.65 2.45
C CYS C 29 25.67 11.33 2.08
N GLN C 30 26.61 11.38 1.14
CA GLN C 30 27.19 10.18 0.55
C GLN C 30 28.49 9.80 1.24
N TYR C 31 28.69 8.50 1.43
CA TYR C 31 29.94 7.98 1.97
C TYR C 31 31.04 8.12 0.94
N THR C 32 32.24 8.46 1.40
CA THR C 32 33.41 8.46 0.53
C THR C 32 33.95 7.04 0.41
N ALA C 33 34.83 6.84 -0.57
CA ALA C 33 35.34 5.50 -0.84
C ALA C 33 36.08 4.94 0.38
N GLU C 34 36.90 5.76 1.02
CA GLU C 34 37.66 5.28 2.17
C GLU C 34 36.75 4.91 3.33
N GLU C 35 35.76 5.76 3.62
CA GLU C 35 34.82 5.45 4.70
C GLU C 35 34.02 4.19 4.39
N TYR C 36 33.54 4.06 3.15
CA TYR C 36 32.81 2.85 2.80
C TYR C 36 33.69 1.62 3.00
N GLN C 37 34.92 1.67 2.50
CA GLN C 37 35.81 0.52 2.62
C GLN C 37 36.06 0.19 4.08
N ALA C 38 36.34 1.21 4.90
CA ALA C 38 36.63 0.97 6.31
C ALA C 38 35.45 0.33 7.01
N ILE C 39 34.26 0.91 6.85
CA ILE C 39 33.09 0.39 7.55
C ILE C 39 32.75 -1.01 7.05
N GLN C 40 32.88 -1.24 5.74
CA GLN C 40 32.62 -2.58 5.20
C GLN C 40 33.58 -3.60 5.80
N LYS C 41 34.86 -3.25 5.91
CA LYS C 41 35.82 -4.18 6.48
C LYS C 41 35.52 -4.44 7.96
N ALA C 42 35.10 -3.40 8.69
CA ALA C 42 34.90 -3.53 10.13
C ALA C 42 33.67 -4.36 10.46
N LEU C 43 32.56 -4.15 9.75
CA LEU C 43 31.33 -4.86 10.07
C LEU C 43 31.42 -6.34 9.85
N ARG C 44 32.45 -6.82 9.16
CA ARG C 44 32.61 -8.23 8.89
C ARG C 44 33.21 -8.99 10.06
N GLN C 45 33.67 -8.29 11.09
CA GLN C 45 34.32 -8.94 12.22
C GLN C 45 33.33 -9.70 13.08
N ARG C 46 33.84 -10.68 13.82
CA ARG C 46 33.06 -11.41 14.80
C ARG C 46 33.51 -10.98 16.19
N LEU C 47 32.55 -10.68 17.05
CA LEU C 47 32.83 -10.11 18.36
C LEU C 47 33.51 -11.12 19.28
N GLY C 48 34.38 -10.60 20.15
CA GLY C 48 35.17 -11.43 21.02
C GLY C 48 34.38 -11.93 22.21
N PRO C 49 35.07 -12.65 23.11
CA PRO C 49 34.38 -13.35 24.19
C PRO C 49 33.86 -12.44 25.29
N GLU C 50 34.22 -11.16 25.33
CA GLU C 50 33.76 -10.29 26.39
C GLU C 50 32.45 -9.59 26.09
N TYR C 51 31.95 -9.69 24.86
CA TYR C 51 30.67 -9.09 24.51
C TYR C 51 29.50 -10.05 24.71
N ILE C 52 29.76 -11.31 24.98
CA ILE C 52 28.72 -12.33 25.05
C ILE C 52 28.34 -12.54 26.51
N SER C 53 27.07 -12.32 26.81
CA SER C 53 26.51 -12.64 28.12
C SER C 53 25.95 -14.05 28.07
N SER C 54 25.18 -14.45 29.08
CA SER C 54 24.60 -15.77 29.10
C SER C 54 23.35 -15.76 29.97
N ARG C 55 22.55 -16.81 29.82
CA ARG C 55 21.32 -16.98 30.57
C ARG C 55 21.07 -18.48 30.74
N MET C 56 20.02 -18.81 31.50
CA MET C 56 19.59 -20.19 31.70
C MET C 56 18.09 -20.18 31.41
N ALA C 57 17.73 -20.32 30.13
CA ALA C 57 16.35 -20.14 29.70
C ALA C 57 15.92 -21.21 28.71
N GLY C 58 16.48 -22.42 28.83
CA GLY C 58 16.12 -23.50 27.94
C GLY C 58 15.59 -24.73 28.68
N GLY C 59 15.27 -24.57 29.96
CA GLY C 59 14.86 -25.71 30.76
C GLY C 59 15.94 -26.78 30.81
N GLY C 60 17.19 -26.36 30.87
CA GLY C 60 18.32 -27.28 30.83
C GLY C 60 19.33 -26.88 29.78
N GLN C 61 19.17 -25.69 29.20
CA GLN C 61 20.05 -25.19 28.15
C GLN C 61 20.37 -23.73 28.41
N LYS C 62 21.56 -23.33 27.98
CA LYS C 62 22.06 -21.98 28.12
C LYS C 62 21.97 -21.24 26.79
N VAL C 63 21.76 -19.94 26.86
CA VAL C 63 21.61 -19.11 25.67
C VAL C 63 22.54 -17.90 25.78
N CYS C 64 23.20 -17.57 24.68
CA CYS C 64 24.10 -16.44 24.62
C CYS C 64 23.40 -15.25 23.98
N TYR C 65 23.87 -14.06 24.31
CA TYR C 65 23.29 -12.84 23.77
C TYR C 65 24.25 -11.69 24.02
N ILE C 66 23.90 -10.54 23.47
CA ILE C 66 24.66 -9.31 23.66
C ILE C 66 23.75 -8.28 24.33
N GLU C 67 24.32 -7.53 25.26
CA GLU C 67 23.56 -6.51 25.98
C GLU C 67 23.29 -5.31 25.09
N GLY C 68 22.22 -4.60 25.41
CA GLY C 68 21.76 -3.48 24.61
C GLY C 68 22.73 -2.33 24.57
N HIS C 69 23.05 -1.79 25.76
CA HIS C 69 23.96 -0.65 25.82
C HIS C 69 25.27 -0.95 25.09
N ARG C 70 25.71 -2.20 25.10
CA ARG C 70 26.93 -2.54 24.39
C ARG C 70 26.74 -2.41 22.89
N VAL C 71 25.56 -2.77 22.37
CA VAL C 71 25.26 -2.62 20.96
C VAL C 71 25.17 -1.15 20.59
N ILE C 72 24.52 -0.33 21.42
CA ILE C 72 24.48 1.10 21.14
C ILE C 72 25.89 1.68 21.11
N ASN C 73 26.75 1.26 22.03
CA ASN C 73 28.14 1.75 22.02
C ASN C 73 28.86 1.31 20.75
N LEU C 74 28.67 0.06 20.34
CA LEU C 74 29.30 -0.41 19.11
C LEU C 74 28.82 0.39 17.91
N ALA C 75 27.53 0.67 17.83
CA ALA C 75 27.02 1.47 16.72
C ALA C 75 27.61 2.87 16.75
N ASN C 76 27.72 3.45 17.95
CA ASN C 76 28.25 4.81 18.05
C ASN C 76 29.69 4.87 17.59
N GLU C 77 30.48 3.84 17.90
CA GLU C 77 31.86 3.82 17.41
C GLU C 77 31.92 3.57 15.89
N MET C 78 31.10 2.64 15.39
CA MET C 78 31.18 2.26 13.98
C MET C 78 30.73 3.40 13.08
N PHE C 79 29.56 3.99 13.36
CA PHE C 79 29.00 5.03 12.50
C PHE C 79 29.22 6.43 13.02
N GLY C 80 29.47 6.59 14.32
CA GLY C 80 29.61 7.90 14.92
C GLY C 80 28.33 8.37 15.59
N TYR C 81 28.47 9.37 16.46
CA TYR C 81 27.32 9.86 17.19
C TYR C 81 26.31 10.54 16.29
N ASN C 82 26.69 10.87 15.05
CA ASN C 82 25.79 11.50 14.10
C ASN C 82 25.76 10.75 12.77
N GLY C 83 25.96 9.44 12.81
CA GLY C 83 25.96 8.66 11.60
C GLY C 83 24.73 7.80 11.44
N TRP C 84 23.96 7.63 12.52
CA TRP C 84 22.79 6.79 12.49
C TRP C 84 21.67 7.46 13.26
N ALA C 85 20.47 6.89 13.13
CA ALA C 85 19.28 7.38 13.81
C ALA C 85 18.31 6.21 13.90
N HIS C 86 17.31 6.37 14.76
CA HIS C 86 16.28 5.34 14.84
C HIS C 86 14.98 6.00 15.31
N SER C 87 13.88 5.31 15.05
CA SER C 87 12.55 5.80 15.36
C SER C 87 11.66 4.62 15.67
N ILE C 88 10.44 4.92 16.10
CA ILE C 88 9.41 3.91 16.34
C ILE C 88 8.28 4.19 15.38
N THR C 89 7.92 3.20 14.57
CA THR C 89 6.86 3.36 13.60
C THR C 89 5.49 3.05 14.17
N GLN C 90 5.37 1.99 14.95
CA GLN C 90 4.09 1.65 15.58
C GLN C 90 4.35 0.72 16.75
N GLN C 91 3.50 0.83 17.76
CA GLN C 91 3.52 -0.04 18.93
C GLN C 91 2.08 -0.38 19.30
N ASN C 92 1.86 -1.61 19.74
CA ASN C 92 0.51 -2.02 20.11
C ASN C 92 0.58 -3.07 21.20
N VAL C 93 -0.37 -2.99 22.14
CA VAL C 93 -0.48 -3.94 23.23
C VAL C 93 -1.29 -5.14 22.76
N ASP C 94 -0.65 -6.29 22.69
CA ASP C 94 -1.36 -7.48 22.25
C ASP C 94 -2.44 -7.87 23.25
N PHE C 95 -2.14 -7.79 24.55
CA PHE C 95 -3.13 -8.14 25.54
C PHE C 95 -2.65 -7.71 26.91
N VAL C 96 -3.58 -7.17 27.71
CA VAL C 96 -3.39 -6.94 29.14
C VAL C 96 -4.38 -7.83 29.87
N ASP C 97 -3.88 -8.80 30.62
CA ASP C 97 -4.70 -9.82 31.23
C ASP C 97 -4.46 -9.88 32.73
N LEU C 98 -5.47 -10.34 33.45
CA LEU C 98 -5.43 -10.47 34.90
C LEU C 98 -5.77 -11.90 35.30
N ASN C 99 -4.98 -12.46 36.20
CA ASN C 99 -5.20 -13.82 36.68
C ASN C 99 -4.62 -13.93 38.08
N ASN C 100 -5.45 -14.31 39.05
CA ASN C 100 -5.03 -14.41 40.45
C ASN C 100 -4.42 -13.11 40.95
N GLY C 101 -5.02 -11.99 40.54
CA GLY C 101 -4.55 -10.70 40.95
C GLY C 101 -3.26 -10.25 40.30
N LYS C 102 -2.70 -11.06 39.40
CA LYS C 102 -1.44 -10.76 38.73
C LYS C 102 -1.70 -10.36 37.28
N PHE C 103 -0.92 -9.40 36.80
CA PHE C 103 -1.06 -8.89 35.45
C PHE C 103 -0.09 -9.59 34.50
N TYR C 104 -0.58 -9.95 33.32
CA TYR C 104 0.23 -10.47 32.23
C TYR C 104 0.05 -9.55 31.03
N VAL C 105 1.16 -9.07 30.47
CA VAL C 105 1.12 -8.13 29.37
C VAL C 105 2.05 -8.62 28.26
N GLY C 106 1.70 -8.27 27.02
CA GLY C 106 2.55 -8.48 25.87
C GLY C 106 2.46 -7.31 24.91
N VAL C 107 3.59 -6.66 24.62
CA VAL C 107 3.64 -5.48 23.77
C VAL C 107 4.62 -5.73 22.64
N CYS C 108 4.28 -5.26 21.43
CA CYS C 108 5.09 -5.42 20.24
C CYS C 108 5.37 -4.06 19.63
N ALA C 109 6.57 -3.90 19.06
CA ALA C 109 6.95 -2.64 18.43
C ALA C 109 7.73 -2.90 17.16
N PHE C 110 7.64 -1.97 16.22
CA PHE C 110 8.42 -1.98 14.99
C PHE C 110 9.39 -0.82 15.03
N VAL C 111 10.69 -1.12 14.90
CA VAL C 111 11.76 -0.14 15.04
C VAL C 111 12.50 -0.02 13.71
N ARG C 112 12.74 1.21 13.28
CA ARG C 112 13.42 1.52 12.03
C ARG C 112 14.74 2.23 12.33
N VAL C 113 15.84 1.68 11.82
CA VAL C 113 17.17 2.26 11.96
C VAL C 113 17.61 2.77 10.60
N GLN C 114 18.16 3.98 10.58
CA GLN C 114 18.57 4.63 9.34
C GLN C 114 20.01 5.08 9.45
N LEU C 115 20.68 5.17 8.29
CA LEU C 115 22.05 5.67 8.21
C LEU C 115 22.05 7.04 7.55
N LYS C 116 23.23 7.67 7.60
CA LYS C 116 23.37 9.04 7.15
C LYS C 116 23.09 9.21 5.67
N ASP C 117 23.16 8.14 4.89
CA ASP C 117 22.97 8.20 3.45
C ASP C 117 21.57 7.81 3.00
N GLY C 118 20.89 6.95 3.74
CA GLY C 118 19.51 6.60 3.43
C GLY C 118 19.17 5.15 3.69
N SER C 119 20.16 4.29 3.79
CA SER C 119 19.89 2.88 4.01
C SER C 119 19.18 2.70 5.35
N TYR C 120 18.34 1.67 5.43
CA TYR C 120 17.56 1.45 6.63
C TYR C 120 17.21 -0.03 6.76
N HIS C 121 16.89 -0.43 7.98
CA HIS C 121 16.39 -1.76 8.28
C HIS C 121 15.31 -1.64 9.35
N GLU C 122 14.36 -2.58 9.31
CA GLU C 122 13.26 -2.62 10.26
C GLU C 122 13.03 -4.05 10.70
N ASP C 123 12.82 -4.25 12.00
CA ASP C 123 12.52 -5.56 12.52
C ASP C 123 11.60 -5.38 13.73
N VAL C 124 11.19 -6.48 14.34
CA VAL C 124 10.16 -6.49 15.36
C VAL C 124 10.79 -6.82 16.71
N GLY C 125 10.37 -6.11 17.75
CA GLY C 125 10.77 -6.40 19.12
C GLY C 125 9.55 -6.55 20.00
N TYR C 126 9.63 -7.47 20.96
CA TYR C 126 8.48 -7.84 21.78
C TYR C 126 8.87 -7.82 23.25
N GLY C 127 8.01 -7.21 24.07
CA GLY C 127 8.23 -7.13 25.50
C GLY C 127 7.21 -7.95 26.26
N VAL C 128 7.60 -8.43 27.42
CA VAL C 128 6.77 -9.29 28.25
C VAL C 128 6.79 -8.79 29.69
N SER C 129 5.71 -9.09 30.43
CA SER C 129 5.63 -8.73 31.84
C SER C 129 4.63 -9.68 32.50
N GLU C 130 5.16 -10.67 33.22
CA GLU C 130 4.35 -11.66 33.91
C GLU C 130 4.72 -11.67 35.39
N GLY C 131 3.74 -11.42 36.25
CA GLY C 131 3.94 -11.55 37.69
C GLY C 131 3.56 -10.35 38.52
N LEU C 132 3.80 -9.15 38.01
CA LEU C 132 3.59 -7.95 38.80
C LEU C 132 2.11 -7.76 39.11
N LYS C 133 1.85 -7.16 40.28
CA LYS C 133 0.50 -6.84 40.71
C LYS C 133 0.13 -5.39 40.48
N SER C 134 0.94 -4.65 39.73
CA SER C 134 0.64 -3.29 39.33
C SER C 134 0.49 -3.23 37.83
N LYS C 135 -0.56 -2.54 37.38
CA LYS C 135 -0.80 -2.43 35.95
C LYS C 135 0.18 -1.48 35.29
N ALA C 136 0.52 -0.39 35.95
CA ALA C 136 1.40 0.60 35.34
C ALA C 136 2.81 0.06 35.19
N LEU C 137 3.33 -0.62 36.21
CA LEU C 137 4.68 -1.16 36.12
C LEU C 137 4.79 -2.20 35.01
N SER C 138 3.78 -3.06 34.89
CA SER C 138 3.79 -4.07 33.84
C SER C 138 3.85 -3.44 32.45
N LEU C 139 3.00 -2.44 32.21
CA LEU C 139 3.02 -1.76 30.92
C LEU C 139 4.35 -1.07 30.67
N GLU C 140 4.87 -0.37 31.68
CA GLU C 140 6.15 0.31 31.53
C GLU C 140 7.23 -0.66 31.09
N LYS C 141 7.37 -1.77 31.83
CA LYS C 141 8.40 -2.74 31.51
C LYS C 141 8.19 -3.32 30.11
N ALA C 142 6.97 -3.73 29.80
CA ALA C 142 6.73 -4.37 28.52
C ALA C 142 7.07 -3.43 27.37
N ARG C 143 6.62 -2.19 27.44
CA ARG C 143 6.85 -1.25 26.35
C ARG C 143 8.34 -0.96 26.18
N LYS C 144 9.02 -0.62 27.28
CA LYS C 144 10.43 -0.27 27.17
C LYS C 144 11.25 -1.45 26.66
N GLU C 145 10.98 -2.65 27.17
CA GLU C 145 11.70 -3.82 26.72
C GLU C 145 11.47 -4.07 25.24
N ALA C 146 10.23 -3.93 24.78
CA ALA C 146 9.96 -4.18 23.36
C ALA C 146 10.72 -3.21 22.49
N VAL C 147 10.75 -1.93 22.86
CA VAL C 147 11.46 -0.96 22.02
C VAL C 147 12.95 -1.28 21.97
N THR C 148 13.54 -1.62 23.11
CA THR C 148 14.96 -1.94 23.12
C THR C 148 15.26 -3.20 22.31
N ASP C 149 14.43 -4.22 22.45
CA ASP C 149 14.61 -5.44 21.68
C ASP C 149 14.54 -5.15 20.18
N GLY C 150 13.62 -4.28 19.78
CA GLY C 150 13.53 -3.93 18.37
C GLY C 150 14.77 -3.19 17.87
N LEU C 151 15.27 -2.24 18.67
CA LEU C 151 16.48 -1.53 18.26
C LEU C 151 17.65 -2.50 18.13
N LYS C 152 17.72 -3.49 19.01
CA LYS C 152 18.77 -4.50 18.89
C LYS C 152 18.62 -5.28 17.59
N ARG C 153 17.42 -5.77 17.30
CA ARG C 153 17.25 -6.64 16.14
C ARG C 153 17.42 -5.90 14.82
N ALA C 154 17.03 -4.63 14.77
CA ALA C 154 17.21 -3.85 13.54
C ALA C 154 18.68 -3.67 13.20
N LEU C 155 19.51 -3.34 14.21
CA LEU C 155 20.93 -3.12 13.96
C LEU C 155 21.66 -4.40 13.61
N ARG C 156 21.06 -5.56 13.88
CA ARG C 156 21.72 -6.83 13.63
C ARG C 156 21.94 -7.08 12.15
N SER C 157 21.11 -6.50 11.28
CA SER C 157 21.19 -6.76 9.85
C SER C 157 22.32 -6.00 9.16
N PHE C 158 23.01 -5.10 9.87
CA PHE C 158 24.09 -4.34 9.26
C PHE C 158 25.41 -5.10 9.22
N GLY C 159 25.56 -6.15 10.00
CA GLY C 159 26.79 -6.93 9.94
C GLY C 159 26.98 -7.76 11.20
N ASN C 160 28.12 -8.47 11.22
CA ASN C 160 28.48 -9.27 12.38
C ASN C 160 28.95 -8.41 13.54
N ALA C 161 29.58 -7.27 13.26
CA ALA C 161 30.06 -6.40 14.32
C ALA C 161 28.93 -5.91 15.22
N LEU C 162 27.68 -5.95 14.73
CA LEU C 162 26.54 -5.49 15.49
C LEU C 162 25.63 -6.64 15.92
N GLY C 163 26.21 -7.81 16.16
CA GLY C 163 25.51 -8.91 16.78
C GLY C 163 25.01 -10.00 15.85
N ASN C 164 25.25 -9.89 14.55
CA ASN C 164 24.75 -10.90 13.62
C ASN C 164 25.48 -12.22 13.79
N CYS C 165 26.68 -12.21 14.36
CA CYS C 165 27.49 -13.40 14.49
C CYS C 165 27.02 -14.35 15.59
N ILE C 166 26.09 -13.92 16.45
CA ILE C 166 25.70 -14.74 17.59
C ILE C 166 24.96 -15.99 17.13
N LEU C 167 24.14 -15.86 16.08
CA LEU C 167 23.31 -16.97 15.63
C LEU C 167 24.14 -18.16 15.15
N ASP C 168 25.39 -17.94 14.75
CA ASP C 168 26.22 -19.04 14.27
C ASP C 168 26.41 -20.10 15.34
N LYS C 169 26.23 -21.37 14.95
CA LYS C 169 26.49 -22.46 15.87
C LYS C 169 27.99 -22.73 16.00
N ASP C 170 28.73 -22.66 14.89
CA ASP C 170 30.17 -22.88 14.93
C ASP C 170 30.87 -21.78 15.73
N TYR C 171 30.47 -20.53 15.53
CA TYR C 171 31.11 -19.42 16.24
C TYR C 171 30.94 -19.57 17.74
N LEU C 172 29.75 -19.93 18.19
CA LEU C 172 29.53 -20.13 19.63
C LEU C 172 30.25 -21.38 20.12
N ARG C 173 30.24 -22.45 19.32
CA ARG C 173 30.95 -23.67 19.73
C ARG C 173 32.44 -23.41 19.88
N SER C 174 32.97 -22.40 19.17
CA SER C 174 34.36 -22.02 19.37
C SER C 174 34.56 -21.26 20.68
N LEU C 175 33.63 -20.36 21.00
CA LEU C 175 33.74 -19.62 22.26
C LEU C 175 33.59 -20.54 23.46
N ASN C 176 32.67 -21.50 23.38
CA ASN C 176 32.38 -22.37 24.51
C ASN C 176 33.50 -23.36 24.81
N LYS C 177 34.52 -23.46 23.95
CA LYS C 177 35.67 -24.32 24.20
C LYS C 177 36.98 -23.54 24.26
N LEU C 178 36.90 -22.23 24.53
CA LEU C 178 38.11 -21.42 24.64
C LEU C 178 38.96 -21.89 25.81
N CYS D 25 21.08 9.97 -2.89
CA CYS D 25 20.58 9.23 -1.70
C CYS D 25 20.06 7.85 -2.10
N PHE D 26 19.64 7.08 -1.11
CA PHE D 26 19.10 5.75 -1.38
C PHE D 26 17.87 5.85 -2.26
N GLY D 27 17.78 4.97 -3.26
CA GLY D 27 16.66 4.95 -4.17
C GLY D 27 16.74 5.95 -5.30
N GLN D 28 17.78 6.78 -5.34
CA GLN D 28 17.97 7.77 -6.40
C GLN D 28 19.39 7.74 -6.95
N CYS D 29 20.18 6.72 -6.62
CA CYS D 29 21.55 6.58 -7.10
C CYS D 29 21.62 5.35 -7.99
N GLN D 30 22.18 5.54 -9.19
CA GLN D 30 22.19 4.50 -10.21
C GLN D 30 23.51 3.75 -10.23
N TYR D 31 23.44 2.51 -10.68
CA TYR D 31 24.64 1.70 -10.85
C TYR D 31 25.46 2.21 -12.03
N THR D 32 26.77 1.95 -11.97
CA THR D 32 27.64 2.14 -13.11
C THR D 32 27.74 0.83 -13.90
N ALA D 33 28.33 0.92 -15.09
CA ALA D 33 28.36 -0.23 -15.98
C ALA D 33 29.12 -1.40 -15.35
N GLU D 34 30.33 -1.14 -14.86
CA GLU D 34 31.15 -2.21 -14.31
C GLU D 34 30.50 -2.81 -13.07
N GLU D 35 29.95 -1.96 -12.21
CA GLU D 35 29.29 -2.44 -11.00
C GLU D 35 28.12 -3.34 -11.35
N TYR D 36 27.28 -2.89 -12.27
CA TYR D 36 26.12 -3.68 -12.68
C TYR D 36 26.55 -5.02 -13.25
N GLN D 37 27.55 -5.01 -14.13
CA GLN D 37 27.99 -6.26 -14.75
C GLN D 37 28.53 -7.23 -13.72
N ALA D 38 29.32 -6.71 -12.77
CA ALA D 38 29.89 -7.58 -11.75
C ALA D 38 28.82 -8.21 -10.88
N ILE D 39 27.86 -7.39 -10.43
CA ILE D 39 26.80 -7.94 -9.58
C ILE D 39 25.95 -8.92 -10.39
N GLN D 40 25.71 -8.62 -11.66
CA GLN D 40 24.89 -9.50 -12.49
C GLN D 40 25.54 -10.87 -12.65
N LYS D 41 26.84 -10.90 -12.91
CA LYS D 41 27.50 -12.19 -13.07
C LYS D 41 27.71 -12.90 -11.75
N ALA D 42 27.78 -12.14 -10.65
CA ALA D 42 27.94 -12.75 -9.33
C ALA D 42 26.64 -13.39 -8.85
N LEU D 43 25.51 -12.71 -9.05
CA LEU D 43 24.22 -13.23 -8.60
C LEU D 43 23.85 -14.52 -9.32
N ARG D 44 24.49 -14.80 -10.46
CA ARG D 44 24.21 -16.01 -11.22
C ARG D 44 24.80 -17.25 -10.58
N GLN D 45 25.73 -17.09 -9.65
CA GLN D 45 26.43 -18.22 -9.06
C GLN D 45 25.49 -19.06 -8.22
N ARG D 46 25.89 -20.31 -8.01
CA ARG D 46 25.17 -21.24 -7.15
C ARG D 46 26.03 -21.55 -5.93
N LEU D 47 25.39 -21.59 -4.76
CA LEU D 47 26.11 -21.72 -3.50
C LEU D 47 26.63 -23.13 -3.30
N GLY D 48 27.75 -23.24 -2.59
CA GLY D 48 28.38 -24.52 -2.38
C GLY D 48 27.78 -25.27 -1.21
N PRO D 49 28.30 -26.47 -0.97
CA PRO D 49 27.70 -27.34 0.05
C PRO D 49 27.91 -26.86 1.48
N GLU D 50 28.70 -25.82 1.71
CA GLU D 50 28.96 -25.33 3.05
C GLU D 50 28.03 -24.20 3.46
N TYR D 51 27.10 -23.80 2.60
CA TYR D 51 26.00 -22.92 2.98
C TYR D 51 24.71 -23.68 3.26
N ILE D 52 24.65 -24.98 2.96
CA ILE D 52 23.40 -25.72 2.94
C ILE D 52 23.23 -26.45 4.27
N SER D 53 22.09 -26.24 4.89
CA SER D 53 21.69 -26.92 6.11
C SER D 53 20.59 -27.92 5.81
N SER D 54 20.40 -28.86 6.72
CA SER D 54 19.43 -29.94 6.54
C SER D 54 18.59 -30.11 7.79
N ARG D 55 17.33 -30.49 7.58
CA ARG D 55 16.43 -30.82 8.68
C ARG D 55 15.38 -31.80 8.17
N MET D 56 14.77 -32.51 9.11
CA MET D 56 13.71 -33.46 8.80
C MET D 56 12.36 -32.76 8.91
N ALA D 57 11.58 -32.81 7.84
CA ALA D 57 10.26 -32.19 7.80
C ALA D 57 9.22 -33.17 7.29
N GLN D 61 10.73 -36.67 5.24
CA GLN D 61 11.88 -36.72 4.36
C GLN D 61 12.76 -35.49 4.57
N LYS D 62 14.06 -35.65 4.38
CA LYS D 62 15.00 -34.59 4.65
C LYS D 62 14.80 -33.43 3.70
N VAL D 63 15.04 -32.22 4.19
CA VAL D 63 14.84 -30.99 3.44
C VAL D 63 16.07 -30.11 3.65
N CYS D 64 16.31 -29.23 2.68
CA CYS D 64 17.51 -28.40 2.65
C CYS D 64 17.13 -26.93 2.62
N TYR D 65 17.97 -26.11 3.23
CA TYR D 65 17.66 -24.70 3.41
C TYR D 65 18.94 -23.93 3.67
N ILE D 66 18.83 -22.60 3.61
CA ILE D 66 19.90 -21.69 3.93
C ILE D 66 19.46 -20.86 5.13
N GLU D 67 20.33 -20.76 6.13
CA GLU D 67 19.98 -20.07 7.37
C GLU D 67 19.98 -18.56 7.16
N GLY D 68 19.17 -17.87 7.96
CA GLY D 68 18.89 -16.47 7.69
C GLY D 68 20.10 -15.57 7.81
N HIS D 69 20.90 -15.75 8.86
CA HIS D 69 22.05 -14.89 9.07
C HIS D 69 23.06 -15.03 7.92
N ARG D 70 23.21 -16.25 7.39
CA ARG D 70 24.03 -16.43 6.20
C ARG D 70 23.50 -15.64 5.02
N VAL D 71 22.17 -15.61 4.86
CA VAL D 71 21.58 -14.83 3.78
C VAL D 71 21.88 -13.35 3.97
N ILE D 72 21.80 -12.87 5.21
CA ILE D 72 22.10 -11.46 5.47
C ILE D 72 23.56 -11.16 5.12
N ASN D 73 24.46 -12.07 5.50
CA ASN D 73 25.88 -11.89 5.18
C ASN D 73 26.08 -11.83 3.66
N LEU D 74 25.44 -12.75 2.93
CA LEU D 74 25.59 -12.77 1.48
C LEU D 74 25.07 -11.49 0.86
N ALA D 75 23.92 -11.00 1.34
CA ALA D 75 23.40 -9.74 0.81
C ALA D 75 24.34 -8.58 1.08
N ASN D 76 24.91 -8.54 2.29
CA ASN D 76 25.84 -7.47 2.63
C ASN D 76 27.07 -7.50 1.73
N GLU D 77 27.60 -8.69 1.47
CA GLU D 77 28.74 -8.82 0.56
C GLU D 77 28.36 -8.38 -0.85
N MET D 78 27.19 -8.80 -1.32
CA MET D 78 26.81 -8.55 -2.71
C MET D 78 26.56 -7.08 -2.96
N PHE D 79 25.74 -6.44 -2.13
CA PHE D 79 25.37 -5.04 -2.35
C PHE D 79 26.09 -4.07 -1.43
N GLY D 80 26.67 -4.54 -0.34
CA GLY D 80 27.29 -3.67 0.63
C GLY D 80 26.35 -3.32 1.77
N TYR D 81 26.94 -2.82 2.86
CA TYR D 81 26.15 -2.48 4.04
C TYR D 81 25.17 -1.35 3.75
N ASN D 82 25.45 -0.52 2.73
CA ASN D 82 24.59 0.60 2.39
C ASN D 82 23.94 0.42 1.02
N GLY D 83 23.83 -0.81 0.54
CA GLY D 83 23.30 -1.07 -0.78
C GLY D 83 21.90 -1.63 -0.82
N TRP D 84 21.38 -2.11 0.31
CA TRP D 84 20.02 -2.62 0.37
C TRP D 84 19.35 -2.13 1.66
N ALA D 85 18.05 -2.40 1.74
CA ALA D 85 17.21 -1.94 2.84
C ALA D 85 15.93 -2.74 2.81
N HIS D 86 15.49 -3.21 3.98
CA HIS D 86 14.27 -3.99 4.07
C HIS D 86 13.38 -3.47 5.19
N SER D 87 12.07 -3.53 4.95
CA SER D 87 11.06 -3.01 5.87
C SER D 87 9.94 -4.02 6.01
N ILE D 88 8.98 -3.69 6.87
CA ILE D 88 7.77 -4.51 7.06
C ILE D 88 6.58 -3.62 6.73
N THR D 89 5.72 -4.10 5.84
CA THR D 89 4.57 -3.31 5.39
C THR D 89 3.32 -3.62 6.21
N GLN D 90 3.14 -4.88 6.61
CA GLN D 90 2.01 -5.23 7.44
C GLN D 90 2.26 -6.57 8.10
N GLN D 91 1.64 -6.77 9.26
CA GLN D 91 1.70 -8.02 9.99
C GLN D 91 0.35 -8.29 10.61
N ASN D 92 -0.14 -9.53 10.48
CA ASN D 92 -1.44 -9.91 11.01
C ASN D 92 -1.35 -11.25 11.72
N VAL D 93 -2.06 -11.37 12.82
CA VAL D 93 -2.18 -12.62 13.55
C VAL D 93 -3.38 -13.37 13.01
N ASP D 94 -3.15 -14.57 12.49
CA ASP D 94 -4.24 -15.34 11.93
C ASP D 94 -5.12 -15.93 13.02
N PHE D 95 -4.53 -16.38 14.11
CA PHE D 95 -5.31 -16.98 15.19
C PHE D 95 -4.45 -17.16 16.42
N VAL D 96 -5.10 -17.08 17.58
CA VAL D 96 -4.47 -17.32 18.88
C VAL D 96 -5.42 -18.23 19.63
N ASP D 97 -5.20 -19.54 19.57
CA ASP D 97 -6.09 -20.52 20.16
C ASP D 97 -5.48 -21.10 21.43
N LEU D 98 -6.34 -21.73 22.23
CA LEU D 98 -5.93 -22.38 23.46
C LEU D 98 -6.49 -23.79 23.48
N ASN D 99 -5.64 -24.75 23.84
CA ASN D 99 -6.05 -26.15 23.89
C ASN D 99 -5.21 -26.85 24.95
N ASN D 100 -5.87 -27.32 26.00
CA ASN D 100 -5.20 -28.01 27.11
C ASN D 100 -4.11 -27.13 27.72
N GLY D 101 -4.42 -25.85 27.86
CA GLY D 101 -3.51 -24.90 28.48
C GLY D 101 -2.36 -24.48 27.61
N LYS D 102 -2.31 -24.92 26.36
CA LYS D 102 -1.21 -24.65 25.46
C LYS D 102 -1.72 -23.80 24.30
N PHE D 103 -0.95 -22.79 23.94
CA PHE D 103 -1.37 -21.81 22.93
C PHE D 103 -0.83 -22.19 21.56
N TYR D 104 -1.66 -21.98 20.54
CA TYR D 104 -1.30 -22.18 19.14
C TYR D 104 -1.49 -20.87 18.40
N VAL D 105 -0.41 -20.33 17.85
CA VAL D 105 -0.42 -19.00 17.27
C VAL D 105 0.06 -19.07 15.83
N GLY D 106 -0.43 -18.13 15.02
CA GLY D 106 0.01 -18.01 13.64
C GLY D 106 0.05 -16.56 13.21
N VAL D 107 1.16 -16.13 12.62
CA VAL D 107 1.34 -14.76 12.19
C VAL D 107 1.90 -14.76 10.77
N CYS D 108 1.66 -13.66 10.06
CA CYS D 108 2.14 -13.49 8.70
C CYS D 108 2.62 -12.06 8.52
N ALA D 109 3.70 -11.89 7.75
CA ALA D 109 4.30 -10.59 7.53
C ALA D 109 4.52 -10.37 6.03
N PHE D 110 4.43 -9.11 5.63
CA PHE D 110 4.74 -8.69 4.27
C PHE D 110 6.06 -7.93 4.33
N VAL D 111 7.13 -8.55 3.84
CA VAL D 111 8.47 -8.00 3.95
C VAL D 111 8.89 -7.49 2.58
N ARG D 112 9.32 -6.24 2.53
CA ARG D 112 9.74 -5.58 1.29
C ARG D 112 11.23 -5.31 1.35
N VAL D 113 11.96 -5.76 0.34
CA VAL D 113 13.39 -5.51 0.20
C VAL D 113 13.59 -4.56 -0.98
N GLN D 114 14.52 -3.62 -0.81
CA GLN D 114 14.75 -2.56 -1.79
C GLN D 114 16.25 -2.41 -2.02
N LEU D 115 16.60 -1.86 -3.17
CA LEU D 115 17.99 -1.60 -3.54
C LEU D 115 18.21 -0.11 -3.76
N LYS D 116 19.49 0.25 -3.82
CA LYS D 116 19.88 1.66 -3.91
C LYS D 116 19.33 2.33 -5.15
N ASP D 117 19.19 1.59 -6.25
CA ASP D 117 18.71 2.19 -7.49
C ASP D 117 17.21 2.46 -7.45
N GLY D 118 16.44 1.58 -6.82
CA GLY D 118 15.01 1.76 -6.72
C GLY D 118 14.23 0.46 -6.82
N SER D 119 14.90 -0.61 -7.24
CA SER D 119 14.23 -1.88 -7.42
C SER D 119 13.77 -2.43 -6.07
N TYR D 120 12.86 -3.40 -6.13
CA TYR D 120 12.33 -3.98 -4.91
C TYR D 120 11.73 -5.34 -5.21
N HIS D 121 11.50 -6.10 -4.13
CA HIS D 121 10.80 -7.37 -4.19
C HIS D 121 10.11 -7.59 -2.85
N GLU D 122 8.86 -8.05 -2.89
CA GLU D 122 8.08 -8.32 -1.70
C GLU D 122 7.73 -9.79 -1.64
N ASP D 123 7.55 -10.31 -0.43
CA ASP D 123 7.07 -11.66 -0.26
C ASP D 123 6.41 -11.77 1.11
N VAL D 124 5.96 -12.98 1.42
CA VAL D 124 5.19 -13.26 2.63
C VAL D 124 5.97 -14.27 3.46
N GLY D 125 6.12 -13.98 4.74
CA GLY D 125 6.69 -14.93 5.68
C GLY D 125 5.68 -15.25 6.76
N TYR D 126 5.68 -16.50 7.21
CA TYR D 126 4.75 -16.98 8.22
C TYR D 126 5.51 -17.48 9.44
N GLY D 127 5.04 -17.10 10.63
CA GLY D 127 5.60 -17.57 11.88
C GLY D 127 4.61 -18.45 12.62
N VAL D 128 5.09 -19.57 13.12
CA VAL D 128 4.27 -20.57 13.78
C VAL D 128 4.85 -20.87 15.15
N SER D 129 3.99 -20.90 16.16
CA SER D 129 4.39 -21.26 17.51
C SER D 129 3.33 -22.20 18.08
N GLU D 130 3.76 -23.28 18.73
CA GLU D 130 2.84 -24.25 19.28
C GLU D 130 3.46 -24.91 20.50
N GLY D 131 2.62 -25.21 21.50
CA GLY D 131 3.00 -26.02 22.64
C GLY D 131 3.32 -25.26 23.91
N LEU D 132 3.61 -23.97 23.82
CA LEU D 132 4.00 -23.20 24.99
C LEU D 132 2.81 -22.85 25.86
N LYS D 133 3.02 -22.91 27.19
CA LYS D 133 1.98 -22.53 28.13
C LYS D 133 1.81 -21.03 28.24
N SER D 134 2.86 -20.27 27.96
CA SER D 134 2.79 -18.83 28.00
C SER D 134 2.27 -18.28 26.68
N LYS D 135 1.57 -17.16 26.74
CA LYS D 135 1.04 -16.52 25.56
C LYS D 135 1.92 -15.40 25.03
N ALA D 136 2.66 -14.72 25.91
CA ALA D 136 3.60 -13.70 25.44
C ALA D 136 4.74 -14.34 24.64
N LEU D 137 5.24 -15.48 25.11
CA LEU D 137 6.33 -16.16 24.40
C LEU D 137 5.87 -16.66 23.03
N SER D 138 4.62 -17.11 22.94
CA SER D 138 4.11 -17.61 21.67
C SER D 138 4.10 -16.51 20.62
N LEU D 139 3.61 -15.33 20.97
CA LEU D 139 3.63 -14.22 20.04
C LEU D 139 5.06 -13.76 19.75
N GLU D 140 5.92 -13.73 20.78
CA GLU D 140 7.35 -13.54 20.55
C GLU D 140 7.82 -14.37 19.36
N LYS D 141 7.73 -15.69 19.50
CA LYS D 141 8.33 -16.58 18.53
C LYS D 141 7.69 -16.42 17.16
N ALA D 142 6.35 -16.38 17.13
CA ALA D 142 5.66 -16.29 15.86
C ALA D 142 6.01 -15.00 15.13
N ARG D 143 5.97 -13.87 15.84
CA ARG D 143 6.17 -12.58 15.21
C ARG D 143 7.62 -12.35 14.79
N LYS D 144 8.59 -13.03 15.41
CA LYS D 144 9.96 -12.91 14.91
C LYS D 144 10.22 -13.86 13.75
N GLU D 145 9.75 -15.10 13.87
CA GLU D 145 9.92 -16.06 12.79
C GLU D 145 9.30 -15.55 11.50
N ALA D 146 8.16 -14.87 11.59
CA ALA D 146 7.50 -14.39 10.38
C ALA D 146 8.37 -13.41 9.60
N VAL D 147 8.96 -12.44 10.30
CA VAL D 147 9.77 -11.44 9.61
C VAL D 147 11.03 -12.09 9.06
N THR D 148 11.61 -13.02 9.80
CA THR D 148 12.80 -13.71 9.28
C THR D 148 12.47 -14.45 7.98
N ASP D 149 11.39 -15.22 7.97
CA ASP D 149 11.01 -15.95 6.76
C ASP D 149 10.72 -15.01 5.62
N GLY D 150 10.04 -13.90 5.89
CA GLY D 150 9.71 -12.96 4.84
C GLY D 150 10.94 -12.35 4.20
N LEU D 151 11.92 -11.96 5.02
CA LEU D 151 13.16 -11.41 4.47
C LEU D 151 13.88 -12.45 3.63
N LYS D 152 13.96 -13.69 4.14
CA LYS D 152 14.62 -14.75 3.38
C LYS D 152 14.00 -14.90 2.00
N ARG D 153 12.67 -14.93 1.94
CA ARG D 153 12.01 -15.17 0.65
C ARG D 153 12.04 -13.94 -0.24
N ALA D 154 12.07 -12.74 0.32
CA ALA D 154 12.18 -11.54 -0.50
C ALA D 154 13.57 -11.41 -1.12
N LEU D 155 14.62 -11.89 -0.43
CA LEU D 155 15.95 -11.87 -1.03
C LEU D 155 16.17 -13.00 -2.02
N ARG D 156 15.34 -14.04 -2.00
CA ARG D 156 15.52 -15.20 -2.85
C ARG D 156 15.30 -14.88 -4.32
N SER D 157 14.54 -13.84 -4.63
CA SER D 157 14.19 -13.50 -6.01
C SER D 157 15.16 -12.51 -6.64
N PHE D 158 16.43 -12.51 -6.21
CA PHE D 158 17.45 -11.70 -6.85
C PHE D 158 18.49 -12.52 -7.59
N GLY D 159 18.59 -13.82 -7.30
CA GLY D 159 19.51 -14.67 -8.03
C GLY D 159 19.69 -15.99 -7.31
N ASN D 160 20.47 -16.86 -7.95
CA ASN D 160 20.86 -18.12 -7.33
C ASN D 160 21.77 -17.93 -6.13
N ALA D 161 22.50 -16.80 -6.08
CA ALA D 161 23.46 -16.57 -5.01
C ALA D 161 22.78 -16.25 -3.68
N LEU D 162 21.56 -15.73 -3.71
CA LEU D 162 20.83 -15.42 -2.49
C LEU D 162 19.77 -16.47 -2.17
N GLY D 163 20.01 -17.71 -2.55
CA GLY D 163 19.20 -18.84 -2.14
C GLY D 163 18.24 -19.38 -3.18
N ASN D 164 18.18 -18.81 -4.37
CA ASN D 164 17.20 -19.25 -5.36
C ASN D 164 17.52 -20.62 -5.93
N CYS D 165 18.74 -21.12 -5.74
CA CYS D 165 19.12 -22.40 -6.31
C CYS D 165 18.62 -23.58 -5.50
N ILE D 166 18.23 -23.38 -4.25
CA ILE D 166 17.89 -24.51 -3.40
C ILE D 166 16.62 -25.20 -3.86
N LEU D 167 15.77 -24.50 -4.63
CA LEU D 167 14.51 -25.07 -5.09
C LEU D 167 14.70 -26.07 -6.23
N ASP D 168 15.87 -26.10 -6.85
CA ASP D 168 16.10 -26.93 -8.02
C ASP D 168 16.43 -28.36 -7.60
N LYS D 169 15.75 -29.32 -8.21
CA LYS D 169 15.96 -30.72 -7.86
C LYS D 169 17.28 -31.25 -8.41
N ASP D 170 17.67 -30.81 -9.61
CA ASP D 170 18.95 -31.25 -10.17
C ASP D 170 20.11 -30.79 -9.30
N TYR D 171 20.08 -29.52 -8.89
CA TYR D 171 21.16 -28.98 -8.06
C TYR D 171 21.21 -29.68 -6.71
N LEU D 172 20.06 -30.07 -6.18
CA LEU D 172 20.03 -30.76 -4.90
C LEU D 172 20.57 -32.18 -5.03
N ARG D 173 20.17 -32.90 -6.08
CA ARG D 173 20.69 -34.24 -6.27
C ARG D 173 22.18 -34.23 -6.62
N SER D 174 22.69 -33.11 -7.10
CA SER D 174 24.14 -33.01 -7.28
C SER D 174 24.87 -32.92 -5.94
N LEU D 175 24.36 -32.08 -5.03
CA LEU D 175 25.02 -31.92 -3.73
C LEU D 175 25.02 -33.22 -2.94
N ASN D 176 23.90 -33.95 -2.96
CA ASN D 176 23.82 -35.19 -2.20
C ASN D 176 24.81 -36.23 -2.69
N LYS D 177 25.38 -36.04 -3.88
CA LYS D 177 26.42 -36.92 -4.38
C LYS D 177 27.83 -36.44 -4.03
N LEU D 178 27.97 -35.24 -3.46
CA LEU D 178 29.27 -34.74 -3.06
C LEU D 178 29.70 -35.33 -1.72
N PRO D 179 31.00 -35.31 -1.42
CA PRO D 179 31.46 -35.85 -0.14
C PRO D 179 30.94 -35.03 1.03
N ARG D 180 30.77 -35.71 2.16
CA ARG D 180 30.28 -35.07 3.38
C ARG D 180 31.43 -34.35 4.07
N GLN D 181 31.36 -33.02 4.11
CA GLN D 181 32.41 -32.23 4.74
C GLN D 181 32.24 -32.22 6.25
N LEU D 182 33.32 -32.51 6.97
CA LEU D 182 33.26 -32.55 8.42
C LEU D 182 33.13 -31.14 9.00
N PRO D 183 32.53 -31.00 10.18
CA PRO D 183 32.43 -29.68 10.81
C PRO D 183 33.81 -29.14 11.17
N LEU D 184 33.93 -27.82 11.13
CA LEU D 184 35.18 -27.12 11.41
C LEU D 184 35.00 -26.24 12.65
N GLU D 185 36.09 -25.60 13.05
CA GLU D 185 36.09 -24.67 14.17
C GLU D 185 36.70 -23.35 13.72
N VAL D 186 36.03 -22.25 14.02
CA VAL D 186 36.51 -20.93 13.60
C VAL D 186 37.61 -20.46 14.54
N ASP D 187 38.43 -19.53 14.04
CA ASP D 187 39.53 -18.96 14.80
C ASP D 187 39.14 -17.58 15.31
N LEU D 188 39.25 -17.39 16.62
CA LEU D 188 38.86 -16.15 17.27
C LEU D 188 40.03 -15.20 17.51
N THR D 189 41.21 -15.53 16.99
CA THR D 189 42.36 -14.65 17.18
C THR D 189 42.11 -13.28 16.59
N LYS D 190 41.28 -13.20 15.55
CA LYS D 190 40.96 -11.93 14.90
C LYS D 190 39.68 -11.30 15.42
N ALA D 191 39.06 -11.88 16.44
CA ALA D 191 37.81 -11.35 16.95
C ALA D 191 38.00 -9.97 17.55
N LYS D 192 36.96 -9.14 17.42
CA LYS D 192 36.99 -7.80 18.01
C LYS D 192 36.97 -7.88 19.52
N ARG D 193 37.78 -7.03 20.17
CA ARG D 193 37.86 -7.01 21.62
C ARG D 193 37.88 -5.59 22.20
N GLN D 194 37.72 -4.57 21.37
CA GLN D 194 37.71 -3.20 21.84
C GLN D 194 36.72 -2.40 21.00
N ASP D 195 36.01 -1.50 21.66
CA ASP D 195 34.96 -0.74 20.96
C ASP D 195 35.55 0.15 19.88
N LEU D 196 36.71 0.74 20.13
CA LEU D 196 37.27 1.72 19.21
C LEU D 196 37.59 1.07 17.86
N GLU D 197 37.42 1.86 16.81
CA GLU D 197 37.72 1.45 15.43
C GLU D 197 38.64 2.49 14.83
N PRO D 198 39.96 2.38 15.07
CA PRO D 198 40.87 3.44 14.61
C PRO D 198 40.81 3.70 13.12
N SER D 199 40.66 2.66 12.31
CA SER D 199 40.61 2.83 10.86
C SER D 199 39.39 3.66 10.46
N VAL D 200 38.23 3.32 11.03
CA VAL D 200 37.01 4.07 10.71
C VAL D 200 37.16 5.52 11.17
N GLU D 201 37.72 5.73 12.36
CA GLU D 201 37.89 7.08 12.87
C GLU D 201 38.79 7.90 11.96
N GLU D 202 39.88 7.31 11.48
CA GLU D 202 40.76 8.01 10.56
C GLU D 202 40.07 8.28 9.24
N ALA D 203 39.18 7.38 8.80
CA ALA D 203 38.51 7.57 7.52
C ALA D 203 37.70 8.86 7.50
N ARG D 204 36.98 9.14 8.58
CA ARG D 204 36.17 10.35 8.65
C ARG D 204 37.05 11.60 8.72
N CYS E 25 16.26 6.84 -12.47
CA CYS E 25 15.77 6.03 -11.31
C CYS E 25 14.71 5.03 -11.76
N PHE E 26 14.42 4.05 -10.89
CA PHE E 26 13.40 3.06 -11.20
C PHE E 26 12.06 3.73 -11.42
N GLY E 27 11.38 3.34 -12.50
CA GLY E 27 10.08 3.88 -12.83
C GLY E 27 10.12 5.18 -13.59
N GLN E 28 11.30 5.75 -13.83
CA GLN E 28 11.40 7.00 -14.57
C GLN E 28 12.56 7.00 -15.55
N CYS E 29 13.27 5.89 -15.72
CA CYS E 29 14.40 5.78 -16.64
C CYS E 29 13.96 5.00 -17.86
N GLN E 30 14.12 5.61 -19.03
CA GLN E 30 13.61 5.03 -20.27
C GLN E 30 14.56 3.97 -20.82
N TYR E 31 14.04 3.16 -21.72
CA TYR E 31 14.87 2.24 -22.49
C TYR E 31 15.56 2.98 -23.63
N THR E 32 16.50 2.30 -24.26
CA THR E 32 17.12 2.76 -25.50
C THR E 32 16.65 1.87 -26.64
N ALA E 33 16.92 2.32 -27.86
CA ALA E 33 16.46 1.58 -29.03
C ALA E 33 17.04 0.17 -29.07
N GLU E 34 18.34 0.05 -28.82
CA GLU E 34 19.01 -1.24 -28.99
C GLU E 34 18.54 -2.24 -27.95
N GLU E 35 18.52 -1.84 -26.68
CA GLU E 35 18.04 -2.73 -25.63
C GLU E 35 16.59 -3.11 -25.88
N TYR E 36 15.78 -2.14 -26.25
CA TYR E 36 14.35 -2.38 -26.48
C TYR E 36 14.13 -3.41 -27.59
N GLN E 37 14.84 -3.25 -28.71
CA GLN E 37 14.71 -4.19 -29.80
C GLN E 37 15.18 -5.58 -29.40
N ALA E 38 16.33 -5.66 -28.71
CA ALA E 38 16.84 -6.96 -28.30
C ALA E 38 15.85 -7.67 -27.40
N ILE E 39 15.23 -6.94 -26.48
CA ILE E 39 14.29 -7.57 -25.57
C ILE E 39 13.04 -8.03 -26.31
N GLN E 40 12.55 -7.25 -27.28
CA GLN E 40 11.44 -7.75 -28.08
C GLN E 40 11.78 -9.07 -28.74
N LYS E 41 12.92 -9.11 -29.44
CA LYS E 41 13.26 -10.33 -30.15
C LYS E 41 13.40 -11.50 -29.18
N ALA E 42 14.05 -11.29 -28.04
CA ALA E 42 14.22 -12.38 -27.08
C ALA E 42 12.89 -12.85 -26.54
N LEU E 43 11.99 -11.92 -26.22
CA LEU E 43 10.71 -12.29 -25.64
C LEU E 43 9.84 -13.05 -26.63
N ARG E 44 9.99 -12.76 -27.93
CA ARG E 44 9.21 -13.48 -28.93
C ARG E 44 9.52 -14.97 -28.96
N GLN E 45 10.71 -15.37 -28.54
CA GLN E 45 11.14 -16.75 -28.69
C GLN E 45 10.40 -17.66 -27.72
N ARG E 46 10.32 -18.93 -28.09
CA ARG E 46 9.68 -19.94 -27.26
C ARG E 46 10.72 -20.64 -26.40
N LEU E 47 10.26 -21.58 -25.58
CA LEU E 47 11.10 -22.28 -24.62
C LEU E 47 11.29 -23.72 -25.05
N GLY E 48 12.44 -24.28 -24.68
CA GLY E 48 12.80 -25.61 -25.10
C GLY E 48 12.26 -26.69 -24.20
N PRO E 49 12.46 -27.95 -24.58
CA PRO E 49 11.91 -29.06 -23.79
C PRO E 49 12.51 -29.18 -22.40
N GLU E 50 13.63 -28.55 -22.10
CA GLU E 50 14.25 -28.66 -20.79
C GLU E 50 13.74 -27.62 -19.80
N TYR E 51 12.85 -26.72 -20.22
CA TYR E 51 12.18 -25.81 -19.32
C TYR E 51 10.81 -26.31 -18.89
N ILE E 52 10.42 -27.52 -19.32
CA ILE E 52 9.04 -27.99 -19.21
C ILE E 52 8.99 -29.17 -18.25
N SER E 53 8.07 -29.12 -17.30
CA SER E 53 7.79 -30.23 -16.40
C SER E 53 6.35 -30.70 -16.62
N SER E 54 6.12 -31.97 -16.31
CA SER E 54 4.82 -32.59 -16.54
C SER E 54 4.32 -33.21 -15.25
N ARG E 55 2.99 -33.22 -15.09
CA ARG E 55 2.38 -33.82 -13.91
C ARG E 55 0.99 -34.33 -14.27
N MET E 56 0.56 -35.34 -13.53
CA MET E 56 -0.79 -35.86 -13.69
C MET E 56 -1.81 -34.88 -13.10
N ALA E 57 -2.98 -34.83 -13.72
CA ALA E 57 -4.03 -33.93 -13.27
C ALA E 57 -5.39 -34.40 -13.76
N GLN E 61 -3.81 -37.43 -19.89
CA GLN E 61 -4.18 -36.89 -18.59
C GLN E 61 -3.02 -36.15 -17.94
N LYS E 62 -2.05 -35.74 -18.76
CA LYS E 62 -0.89 -35.00 -18.29
C LYS E 62 -1.13 -33.50 -18.42
N VAL E 63 -0.25 -32.74 -17.78
CA VAL E 63 -0.30 -31.28 -17.83
C VAL E 63 1.12 -30.76 -17.76
N CYS E 64 1.40 -29.74 -18.56
CA CYS E 64 2.76 -29.22 -18.72
C CYS E 64 2.84 -27.81 -18.15
N TYR E 65 3.96 -27.50 -17.49
CA TYR E 65 4.10 -26.23 -16.79
C TYR E 65 5.57 -25.88 -16.66
N ILE E 66 5.83 -24.68 -16.17
CA ILE E 66 7.17 -24.18 -15.90
C ILE E 66 7.28 -23.87 -14.41
N GLU E 67 8.35 -24.35 -13.78
CA GLU E 67 8.57 -24.11 -12.36
C GLU E 67 8.87 -22.65 -12.09
N GLY E 68 8.48 -22.18 -10.89
CA GLY E 68 8.54 -20.77 -10.59
C GLY E 68 9.95 -20.23 -10.54
N HIS E 69 10.90 -21.00 -9.99
CA HIS E 69 12.27 -20.53 -9.93
C HIS E 69 12.89 -20.41 -11.32
N ARG E 70 12.48 -21.29 -12.25
CA ARG E 70 12.92 -21.13 -13.63
C ARG E 70 12.45 -19.80 -14.19
N VAL E 71 11.21 -19.42 -13.90
CA VAL E 71 10.69 -18.15 -14.37
C VAL E 71 11.44 -17.00 -13.73
N ILE E 72 11.79 -17.13 -12.45
CA ILE E 72 12.58 -16.10 -11.78
C ILE E 72 13.91 -15.93 -12.50
N ASN E 73 14.57 -17.04 -12.82
CA ASN E 73 15.84 -16.97 -13.52
C ASN E 73 15.69 -16.29 -14.88
N LEU E 74 14.66 -16.69 -15.64
CA LEU E 74 14.46 -16.13 -16.96
C LEU E 74 14.21 -14.63 -16.88
N ALA E 75 13.38 -14.19 -15.93
CA ALA E 75 13.13 -12.76 -15.78
C ALA E 75 14.41 -12.02 -15.40
N ASN E 76 15.21 -12.61 -14.51
CA ASN E 76 16.46 -11.98 -14.10
C ASN E 76 17.38 -11.76 -15.28
N GLU E 77 17.54 -12.78 -16.12
CA GLU E 77 18.48 -12.66 -17.23
C GLU E 77 17.85 -12.05 -18.48
N MET E 78 16.56 -11.78 -18.46
CA MET E 78 15.92 -11.05 -19.54
C MET E 78 15.94 -9.55 -19.28
N PHE E 79 15.62 -9.12 -18.06
CA PHE E 79 15.65 -7.70 -17.71
C PHE E 79 16.81 -7.32 -16.81
N GLY E 80 17.54 -8.28 -16.28
CA GLY E 80 18.56 -8.00 -15.29
C GLY E 80 18.01 -8.09 -13.87
N TYR E 81 18.93 -8.23 -12.92
CA TYR E 81 18.53 -8.32 -11.52
C TYR E 81 17.86 -7.05 -11.02
N ASN E 82 18.09 -5.91 -11.66
CA ASN E 82 17.51 -4.64 -11.24
C ASN E 82 16.54 -4.08 -12.28
N GLY E 83 16.06 -4.90 -13.20
CA GLY E 83 15.20 -4.41 -14.26
C GLY E 83 13.71 -4.60 -14.00
N TRP E 84 13.36 -5.39 -12.99
CA TRP E 84 11.96 -5.65 -12.69
C TRP E 84 11.76 -5.71 -11.20
N ALA E 85 10.51 -5.49 -10.78
CA ALA E 85 10.11 -5.46 -9.38
C ALA E 85 8.70 -6.00 -9.27
N HIS E 86 8.44 -6.83 -8.26
CA HIS E 86 7.09 -7.29 -8.00
C HIS E 86 6.66 -6.94 -6.60
N SER E 87 5.34 -6.88 -6.40
CA SER E 87 4.75 -6.52 -5.12
C SER E 87 3.44 -7.29 -4.96
N ILE E 88 3.02 -7.42 -3.71
CA ILE E 88 1.70 -7.96 -3.39
C ILE E 88 0.79 -6.79 -3.06
N THR E 89 -0.28 -6.63 -3.84
CA THR E 89 -1.21 -5.52 -3.62
C THR E 89 -2.40 -5.91 -2.76
N GLN E 90 -2.69 -7.20 -2.62
CA GLN E 90 -3.81 -7.62 -1.80
C GLN E 90 -3.76 -9.13 -1.63
N GLN E 91 -4.00 -9.60 -0.41
CA GLN E 91 -4.15 -11.01 -0.13
C GLN E 91 -5.36 -11.20 0.77
N ASN E 92 -6.07 -12.30 0.56
CA ASN E 92 -7.32 -12.55 1.27
C ASN E 92 -7.53 -14.05 1.42
N VAL E 93 -7.97 -14.45 2.60
CA VAL E 93 -8.30 -15.84 2.87
C VAL E 93 -9.78 -16.04 2.53
N ASP E 94 -10.06 -17.06 1.73
CA ASP E 94 -11.42 -17.32 1.30
C ASP E 94 -12.18 -18.20 2.28
N PHE E 95 -11.53 -19.18 2.88
CA PHE E 95 -12.21 -20.04 3.83
C PHE E 95 -11.21 -20.93 4.54
N VAL E 96 -11.46 -21.17 5.83
CA VAL E 96 -10.75 -22.18 6.60
C VAL E 96 -11.79 -23.12 7.17
N ASP E 97 -11.69 -24.40 6.85
CA ASP E 97 -12.71 -25.37 7.19
C ASP E 97 -12.08 -26.60 7.82
N LEU E 98 -12.72 -27.11 8.87
CA LEU E 98 -12.28 -28.31 9.55
C LEU E 98 -13.25 -29.44 9.25
N ASN E 99 -12.72 -30.60 8.89
CA ASN E 99 -13.54 -31.77 8.60
C ASN E 99 -12.75 -33.01 8.97
N ASN E 100 -13.28 -33.78 9.91
CA ASN E 100 -12.64 -35.01 10.38
C ASN E 100 -11.23 -34.73 10.89
N GLY E 101 -11.05 -33.60 11.55
CA GLY E 101 -9.76 -33.25 12.11
C GLY E 101 -8.73 -32.78 11.11
N LYS E 102 -9.16 -32.30 9.95
CA LYS E 102 -8.27 -31.88 8.89
C LYS E 102 -8.71 -30.52 8.39
N PHE E 103 -7.75 -29.67 8.06
CA PHE E 103 -8.05 -28.32 7.62
C PHE E 103 -8.01 -28.20 6.10
N TYR E 104 -8.98 -27.48 5.56
CA TYR E 104 -9.06 -27.20 4.13
C TYR E 104 -9.06 -25.70 3.96
N VAL E 105 -8.03 -25.16 3.33
CA VAL E 105 -7.81 -23.72 3.28
C VAL E 105 -7.66 -23.29 1.83
N GLY E 106 -8.05 -22.05 1.56
CA GLY E 106 -7.91 -21.47 0.24
C GLY E 106 -7.60 -20.00 0.33
N VAL E 107 -6.59 -19.53 -0.39
CA VAL E 107 -6.14 -18.15 -0.31
C VAL E 107 -6.00 -17.60 -1.72
N CYS E 108 -6.19 -16.29 -1.84
CA CYS E 108 -6.07 -15.58 -3.09
C CYS E 108 -5.09 -14.44 -2.92
N ALA E 109 -4.35 -14.14 -3.98
CA ALA E 109 -3.36 -13.07 -3.95
C ALA E 109 -3.40 -12.29 -5.26
N PHE E 110 -3.24 -10.98 -5.16
CA PHE E 110 -3.07 -10.11 -6.32
C PHE E 110 -1.60 -9.70 -6.34
N VAL E 111 -0.87 -10.11 -7.38
CA VAL E 111 0.55 -9.83 -7.52
C VAL E 111 0.74 -8.89 -8.69
N ARG E 112 1.48 -7.83 -8.48
CA ARG E 112 1.80 -6.85 -9.51
C ARG E 112 3.29 -6.95 -9.84
N VAL E 113 3.59 -7.09 -11.13
CA VAL E 113 4.96 -7.07 -11.64
C VAL E 113 5.16 -5.79 -12.42
N GLN E 114 6.25 -5.09 -12.14
CA GLN E 114 6.52 -3.80 -12.75
C GLN E 114 7.90 -3.82 -13.39
N LEU E 115 8.09 -2.96 -14.39
CA LEU E 115 9.34 -2.87 -15.14
C LEU E 115 9.96 -1.50 -14.96
N LYS E 116 11.24 -1.42 -15.30
CA LYS E 116 12.04 -0.24 -14.99
C LYS E 116 11.53 1.02 -15.69
N ASP E 117 10.70 0.87 -16.73
CA ASP E 117 10.17 2.03 -17.43
C ASP E 117 8.81 2.48 -16.91
N GLY E 118 8.03 1.56 -16.32
CA GLY E 118 6.75 1.90 -15.75
C GLY E 118 5.64 0.94 -16.10
N SER E 119 5.92 0.00 -17.00
CA SER E 119 4.91 -0.97 -17.40
C SER E 119 4.67 -1.99 -16.30
N TYR E 120 3.49 -2.61 -16.31
CA TYR E 120 3.12 -3.51 -15.23
C TYR E 120 2.06 -4.47 -15.72
N HIS E 121 1.99 -5.62 -15.07
CA HIS E 121 0.93 -6.59 -15.28
C HIS E 121 0.54 -7.17 -13.93
N GLU E 122 -0.74 -7.10 -13.63
CA GLU E 122 -1.28 -7.59 -12.36
C GLU E 122 -2.17 -8.80 -12.64
N ASP E 123 -1.89 -9.90 -11.97
CA ASP E 123 -2.69 -11.10 -12.13
C ASP E 123 -3.02 -11.67 -10.75
N VAL E 124 -3.91 -12.66 -10.75
CA VAL E 124 -4.34 -13.33 -9.53
C VAL E 124 -3.60 -14.65 -9.41
N GLY E 125 -3.11 -14.93 -8.20
CA GLY E 125 -2.67 -16.25 -7.87
C GLY E 125 -3.59 -16.85 -6.83
N TYR E 126 -3.53 -18.16 -6.65
CA TYR E 126 -4.37 -18.85 -5.70
C TYR E 126 -3.60 -20.01 -5.10
N GLY E 127 -3.61 -20.12 -3.78
CA GLY E 127 -2.98 -21.22 -3.09
C GLY E 127 -4.00 -22.15 -2.46
N VAL E 128 -3.60 -23.36 -2.14
CA VAL E 128 -4.52 -24.36 -1.63
C VAL E 128 -3.76 -25.30 -0.71
N SER E 129 -4.42 -25.70 0.39
CA SER E 129 -3.89 -26.71 1.30
C SER E 129 -5.04 -27.58 1.77
N GLU E 130 -4.82 -28.88 1.80
CA GLU E 130 -5.88 -29.82 2.18
C GLU E 130 -5.27 -31.06 2.81
N GLY E 131 -5.87 -31.52 3.90
CA GLY E 131 -5.49 -32.77 4.53
C GLY E 131 -4.56 -32.65 5.72
N LEU E 132 -4.10 -31.45 6.04
CA LEU E 132 -3.18 -31.26 7.16
C LEU E 132 -3.94 -31.13 8.47
N LYS E 133 -3.35 -31.66 9.54
CA LYS E 133 -3.94 -31.60 10.87
C LYS E 133 -3.52 -30.37 11.65
N SER E 134 -2.73 -29.48 11.05
CA SER E 134 -2.27 -28.27 11.70
C SER E 134 -2.80 -27.05 10.96
N LYS E 135 -3.37 -26.12 11.71
CA LYS E 135 -3.95 -24.93 11.09
C LYS E 135 -2.88 -23.95 10.61
N ALA E 136 -1.82 -23.76 11.39
CA ALA E 136 -0.79 -22.81 11.00
C ALA E 136 -0.05 -23.27 9.74
N LEU E 137 0.25 -24.56 9.66
CA LEU E 137 0.95 -25.07 8.49
C LEU E 137 0.12 -24.91 7.22
N SER E 138 -1.20 -25.15 7.32
CA SER E 138 -2.07 -24.99 6.17
C SER E 138 -2.09 -23.56 5.68
N LEU E 139 -2.25 -22.61 6.60
CA LEU E 139 -2.23 -21.20 6.22
C LEU E 139 -0.89 -20.81 5.60
N GLU E 140 0.22 -21.27 6.18
CA GLU E 140 1.53 -20.93 5.64
C GLU E 140 1.67 -21.44 4.22
N LYS E 141 1.40 -22.73 3.99
CA LYS E 141 1.55 -23.29 2.66
C LYS E 141 0.68 -22.56 1.65
N ALA E 142 -0.59 -22.33 1.99
CA ALA E 142 -1.49 -21.71 1.04
C ALA E 142 -1.07 -20.28 0.73
N ARG E 143 -0.68 -19.52 1.74
CA ARG E 143 -0.31 -18.12 1.52
C ARG E 143 0.98 -17.99 0.73
N LYS E 144 1.87 -18.98 0.83
CA LYS E 144 3.08 -18.95 -0.01
C LYS E 144 2.77 -19.33 -1.46
N GLU E 145 1.98 -20.41 -1.63
CA GLU E 145 1.63 -20.86 -2.97
C GLU E 145 0.91 -19.78 -3.74
N ALA E 146 0.08 -19.00 -3.05
CA ALA E 146 -0.67 -17.94 -3.73
C ALA E 146 0.26 -16.95 -4.40
N VAL E 147 1.25 -16.44 -3.66
CA VAL E 147 2.13 -15.42 -4.22
C VAL E 147 3.00 -16.01 -5.31
N THR E 148 3.48 -17.24 -5.13
CA THR E 148 4.27 -17.86 -6.19
C THR E 148 3.48 -17.98 -7.48
N ASP E 149 2.25 -18.51 -7.40
CA ASP E 149 1.43 -18.70 -8.59
C ASP E 149 1.10 -17.37 -9.24
N GLY E 150 0.79 -16.36 -8.42
CA GLY E 150 0.48 -15.06 -8.97
C GLY E 150 1.65 -14.43 -9.70
N LEU E 151 2.87 -14.58 -9.16
CA LEU E 151 4.04 -14.09 -9.86
C LEU E 151 4.23 -14.81 -11.19
N LYS E 152 4.08 -16.13 -11.19
CA LYS E 152 4.17 -16.88 -12.44
C LYS E 152 3.20 -16.33 -13.47
N ARG E 153 1.95 -16.10 -13.06
CA ARG E 153 0.93 -15.68 -14.03
C ARG E 153 1.09 -14.22 -14.44
N ALA E 154 1.68 -13.39 -13.60
CA ALA E 154 1.92 -12.00 -13.98
C ALA E 154 3.10 -11.85 -14.91
N LEU E 155 4.13 -12.70 -14.78
CA LEU E 155 5.26 -12.64 -15.71
C LEU E 155 4.89 -13.21 -17.08
N ARG E 156 3.83 -14.00 -17.16
CA ARG E 156 3.49 -14.70 -18.39
C ARG E 156 3.10 -13.75 -19.51
N SER E 157 2.50 -12.61 -19.17
CA SER E 157 1.95 -11.71 -20.16
C SER E 157 2.96 -10.70 -20.68
N PHE E 158 4.26 -11.00 -20.57
CA PHE E 158 5.29 -10.17 -21.19
C PHE E 158 5.82 -10.79 -22.47
N GLY E 159 5.66 -12.09 -22.66
CA GLY E 159 6.05 -12.71 -23.91
C GLY E 159 5.97 -14.22 -23.83
N ASN E 160 6.26 -14.85 -24.96
CA ASN E 160 6.31 -16.30 -25.01
C ASN E 160 7.51 -16.86 -24.25
N ALA E 161 8.59 -16.08 -24.18
CA ALA E 161 9.78 -16.55 -23.49
C ALA E 161 9.53 -16.75 -22.00
N LEU E 162 8.65 -15.95 -21.41
CA LEU E 162 8.35 -16.01 -19.98
C LEU E 162 7.17 -16.92 -19.66
N GLY E 163 6.93 -17.93 -20.49
CA GLY E 163 5.95 -18.97 -20.20
C GLY E 163 4.66 -18.89 -20.98
N ASN E 164 4.43 -17.82 -21.77
CA ASN E 164 3.16 -17.65 -22.45
C ASN E 164 2.91 -18.69 -23.53
N CYS E 165 3.93 -19.43 -23.95
CA CYS E 165 3.77 -20.40 -25.01
C CYS E 165 3.22 -21.73 -24.53
N ILE E 166 3.11 -21.95 -23.21
CA ILE E 166 2.67 -23.24 -22.71
C ILE E 166 1.19 -23.47 -22.96
N LEU E 167 0.44 -22.41 -23.25
CA LEU E 167 -1.00 -22.50 -23.43
C LEU E 167 -1.41 -22.87 -24.85
N ASP E 168 -0.44 -23.02 -25.76
CA ASP E 168 -0.73 -23.31 -27.16
C ASP E 168 -0.68 -24.80 -27.40
N LYS E 169 -1.80 -25.38 -27.82
CA LYS E 169 -1.88 -26.83 -27.99
C LYS E 169 -0.95 -27.33 -29.09
N ASP E 170 -0.78 -26.56 -30.17
CA ASP E 170 0.14 -26.98 -31.22
C ASP E 170 1.57 -27.06 -30.72
N TYR E 171 1.98 -26.09 -29.90
CA TYR E 171 3.31 -26.12 -29.31
C TYR E 171 3.48 -27.35 -28.44
N LEU E 172 2.48 -27.67 -27.62
CA LEU E 172 2.58 -28.82 -26.74
C LEU E 172 2.65 -30.12 -27.52
N ARG E 173 1.85 -30.26 -28.58
CA ARG E 173 1.93 -31.48 -29.38
C ARG E 173 3.18 -31.54 -30.23
N SER E 174 3.81 -30.39 -30.48
CA SER E 174 5.10 -30.37 -31.16
C SER E 174 6.23 -30.82 -30.24
N LEU E 175 6.18 -30.39 -28.97
CA LEU E 175 7.18 -30.83 -28.01
C LEU E 175 7.11 -32.33 -27.77
N ASN E 176 5.89 -32.87 -27.73
CA ASN E 176 5.72 -34.29 -27.48
C ASN E 176 6.27 -35.17 -28.58
N LYS E 177 6.60 -34.60 -29.74
CA LYS E 177 7.21 -35.35 -30.85
C LYS E 177 8.69 -35.04 -30.99
N LEU E 178 9.37 -34.83 -29.86
CA LEU E 178 10.81 -34.66 -29.82
C LEU E 178 11.48 -35.87 -29.19
N PRO E 179 12.76 -36.13 -29.51
CA PRO E 179 13.43 -37.31 -28.96
C PRO E 179 13.57 -37.29 -27.45
N VAL E 186 24.21 -31.28 -14.15
CA VAL E 186 24.61 -30.33 -13.12
C VAL E 186 25.83 -30.85 -12.37
N ASP E 187 27.00 -30.34 -12.74
CA ASP E 187 28.25 -30.74 -12.10
C ASP E 187 29.10 -29.49 -11.84
N LEU E 188 28.47 -28.45 -11.33
CA LEU E 188 29.15 -27.16 -11.13
C LEU E 188 30.06 -27.27 -9.92
N THR E 189 31.34 -27.53 -10.17
CA THR E 189 32.36 -27.48 -9.13
C THR E 189 32.83 -26.06 -8.84
N LYS E 190 32.48 -25.10 -9.69
CA LYS E 190 32.81 -23.69 -9.47
C LYS E 190 31.78 -22.98 -8.60
N ALA E 191 31.03 -23.72 -7.80
CA ALA E 191 30.03 -23.11 -6.93
C ALA E 191 30.67 -22.20 -5.91
N LYS E 192 29.93 -21.18 -5.49
CA LYS E 192 30.43 -20.24 -4.50
C LYS E 192 30.77 -20.97 -3.20
N ARG E 193 32.06 -20.98 -2.84
CA ARG E 193 32.55 -21.63 -1.63
C ARG E 193 32.74 -20.68 -0.47
N GLN E 194 33.07 -19.43 -0.74
CA GLN E 194 33.36 -18.44 0.29
C GLN E 194 32.38 -17.28 0.18
N ASP E 195 32.64 -16.22 0.94
CA ASP E 195 31.66 -15.19 1.20
C ASP E 195 31.93 -13.89 0.47
N LEU E 196 33.17 -13.59 0.10
CA LEU E 196 33.50 -12.31 -0.50
C LEU E 196 33.41 -12.36 -2.02
N GLU E 197 33.29 -11.17 -2.61
CA GLU E 197 33.24 -10.99 -4.06
C GLU E 197 34.33 -10.00 -4.45
N PRO E 198 35.55 -10.48 -4.72
CA PRO E 198 36.64 -9.54 -5.03
C PRO E 198 36.33 -8.62 -6.20
N SER E 199 35.72 -9.15 -7.26
CA SER E 199 35.43 -8.33 -8.43
C SER E 199 34.35 -7.30 -8.12
N VAL E 200 33.31 -7.68 -7.38
CA VAL E 200 32.25 -6.74 -7.03
C VAL E 200 32.82 -5.63 -6.17
N GLU E 201 33.67 -5.99 -5.20
CA GLU E 201 34.29 -4.97 -4.35
C GLU E 201 35.17 -4.04 -5.18
N GLU E 202 35.93 -4.60 -6.13
CA GLU E 202 36.77 -3.77 -6.97
C GLU E 202 35.92 -2.78 -7.78
N ALA E 203 34.84 -3.28 -8.39
CA ALA E 203 34.00 -2.42 -9.20
C ALA E 203 33.28 -1.37 -8.36
N ARG E 204 32.84 -1.75 -7.17
CA ARG E 204 32.05 -0.87 -6.32
C ARG E 204 32.76 0.45 -6.06
N PHE F 26 5.95 5.57 -18.58
CA PHE F 26 4.57 5.02 -18.72
C PHE F 26 3.55 5.96 -18.10
N GLY F 27 2.42 6.13 -18.78
CA GLY F 27 1.38 7.03 -18.33
C GLY F 27 1.53 8.46 -18.81
N GLN F 28 2.71 8.83 -19.33
CA GLN F 28 2.91 10.17 -19.85
C GLN F 28 3.76 10.17 -21.12
N CYS F 29 3.86 9.04 -21.82
CA CYS F 29 4.68 8.94 -23.02
C CYS F 29 3.80 9.24 -24.24
N GLN F 30 4.15 10.31 -24.97
CA GLN F 30 3.38 10.71 -26.13
C GLN F 30 3.79 9.89 -27.35
N TYR F 31 2.78 9.42 -28.09
CA TYR F 31 3.04 8.74 -29.35
C TYR F 31 3.58 9.72 -30.38
N THR F 32 4.48 9.25 -31.23
CA THR F 32 4.91 10.04 -32.37
C THR F 32 3.89 9.93 -33.49
N ALA F 33 3.97 10.87 -34.44
CA ALA F 33 3.02 10.87 -35.55
C ALA F 33 3.10 9.58 -36.35
N GLU F 34 4.31 9.10 -36.61
CA GLU F 34 4.47 7.90 -37.43
C GLU F 34 3.95 6.66 -36.72
N GLU F 35 4.28 6.50 -35.44
CA GLU F 35 3.77 5.37 -34.69
C GLU F 35 2.25 5.46 -34.56
N TYR F 36 1.74 6.66 -34.34
CA TYR F 36 0.30 6.89 -34.31
C TYR F 36 -0.35 6.35 -35.57
N GLN F 37 0.16 6.76 -36.73
CA GLN F 37 -0.44 6.34 -38.00
C GLN F 37 -0.29 4.85 -38.22
N ALA F 38 0.88 4.29 -37.91
CA ALA F 38 1.09 2.86 -38.14
C ALA F 38 0.14 2.02 -37.30
N ILE F 39 -0.02 2.37 -36.02
CA ILE F 39 -0.93 1.63 -35.16
C ILE F 39 -2.38 1.85 -35.60
N GLN F 40 -2.72 3.07 -36.01
CA GLN F 40 -4.08 3.35 -36.44
C GLN F 40 -4.44 2.53 -37.67
N LYS F 41 -3.50 2.35 -38.59
CA LYS F 41 -3.76 1.52 -39.76
C LYS F 41 -3.77 0.04 -39.41
N ALA F 42 -2.89 -0.38 -38.50
CA ALA F 42 -2.78 -1.80 -38.19
C ALA F 42 -3.97 -2.30 -37.40
N LEU F 43 -4.50 -1.47 -36.49
CA LEU F 43 -5.64 -1.89 -35.68
C LEU F 43 -6.90 -2.04 -36.52
N ARG F 44 -6.99 -1.30 -37.62
CA ARG F 44 -8.20 -1.23 -38.41
C ARG F 44 -8.51 -2.51 -39.17
N GLN F 45 -7.58 -3.46 -39.24
CA GLN F 45 -7.73 -4.62 -40.10
C GLN F 45 -8.24 -5.82 -39.31
N ARG F 46 -8.57 -6.87 -40.05
CA ARG F 46 -9.26 -8.03 -39.53
C ARG F 46 -8.27 -9.18 -39.30
N LEU F 47 -8.80 -10.32 -38.88
CA LEU F 47 -8.01 -11.48 -38.53
C LEU F 47 -8.29 -12.61 -39.50
N GLY F 48 -7.22 -13.28 -39.93
CA GLY F 48 -7.35 -14.38 -40.85
C GLY F 48 -7.88 -15.60 -40.14
N PRO F 49 -8.15 -16.66 -40.91
CA PRO F 49 -8.65 -17.91 -40.30
C PRO F 49 -7.62 -18.63 -39.45
N GLU F 50 -6.42 -18.10 -39.31
CA GLU F 50 -5.38 -18.70 -38.48
C GLU F 50 -5.40 -18.21 -37.04
N TYR F 51 -6.35 -17.35 -36.68
CA TYR F 51 -6.47 -16.85 -35.32
C TYR F 51 -7.79 -17.23 -34.65
N ILE F 52 -8.73 -17.82 -35.39
CA ILE F 52 -10.07 -18.08 -34.89
C ILE F 52 -10.26 -19.58 -34.71
N SER F 53 -10.88 -19.96 -33.59
CA SER F 53 -11.27 -21.34 -33.31
C SER F 53 -12.74 -21.37 -32.93
N SER F 54 -13.35 -22.54 -33.08
CA SER F 54 -14.77 -22.71 -32.85
C SER F 54 -15.04 -23.82 -31.85
N ARG F 55 -16.09 -23.65 -31.06
CA ARG F 55 -16.54 -24.65 -30.10
C ARG F 55 -18.05 -24.82 -30.18
N MET F 56 -18.50 -26.02 -29.86
CA MET F 56 -19.93 -26.30 -29.86
C MET F 56 -20.60 -25.68 -28.64
N ALA F 57 -21.80 -25.14 -28.84
CA ALA F 57 -22.53 -24.48 -27.76
C ALA F 57 -24.04 -24.64 -27.97
N GLN F 61 -25.14 -25.52 -31.78
CA GLN F 61 -24.59 -24.54 -32.69
C GLN F 61 -23.08 -24.43 -32.51
N LYS F 62 -22.47 -23.44 -33.16
CA LYS F 62 -21.05 -23.19 -33.07
C LYS F 62 -20.80 -21.71 -32.81
N VAL F 63 -19.74 -21.43 -32.07
CA VAL F 63 -19.34 -20.08 -31.72
C VAL F 63 -17.87 -19.91 -32.05
N CYS F 64 -17.52 -18.77 -32.63
CA CYS F 64 -16.16 -18.47 -33.04
C CYS F 64 -15.54 -17.47 -32.08
N TYR F 65 -14.31 -17.75 -31.66
CA TYR F 65 -13.64 -16.95 -30.64
C TYR F 65 -12.15 -16.96 -30.88
N ILE F 66 -11.45 -16.08 -30.16
CA ILE F 66 -9.99 -15.97 -30.20
C ILE F 66 -9.45 -16.27 -28.82
N GLU F 67 -8.45 -17.15 -28.75
CA GLU F 67 -7.89 -17.57 -27.47
C GLU F 67 -7.12 -16.43 -26.81
N GLY F 68 -7.08 -16.45 -25.48
CA GLY F 68 -6.53 -15.34 -24.74
C GLY F 68 -5.04 -15.15 -24.98
N HIS F 69 -4.27 -16.23 -25.05
CA HIS F 69 -2.84 -16.11 -25.23
C HIS F 69 -2.50 -15.54 -26.61
N ARG F 70 -3.29 -15.87 -27.63
CA ARG F 70 -3.10 -15.27 -28.94
C ARG F 70 -3.37 -13.78 -28.88
N VAL F 71 -4.36 -13.37 -28.09
CA VAL F 71 -4.65 -11.95 -27.97
C VAL F 71 -3.53 -11.24 -27.24
N ILE F 72 -2.93 -11.89 -26.24
CA ILE F 72 -1.77 -11.32 -25.57
C ILE F 72 -0.61 -11.15 -26.55
N ASN F 73 -0.38 -12.16 -27.38
CA ASN F 73 0.67 -12.06 -28.38
C ASN F 73 0.41 -10.92 -29.36
N LEU F 74 -0.84 -10.79 -29.81
CA LEU F 74 -1.17 -9.70 -30.74
C LEU F 74 -0.99 -8.34 -30.08
N ALA F 75 -1.38 -8.21 -28.82
CA ALA F 75 -1.17 -6.96 -28.11
C ALA F 75 0.30 -6.64 -27.98
N ASN F 76 1.12 -7.65 -27.66
CA ASN F 76 2.56 -7.44 -27.57
C ASN F 76 3.13 -7.00 -28.91
N GLU F 77 2.71 -7.64 -30.00
CA GLU F 77 3.21 -7.26 -31.31
C GLU F 77 2.78 -5.85 -31.68
N MET F 78 1.53 -5.49 -31.38
CA MET F 78 1.02 -4.19 -31.78
C MET F 78 1.65 -3.06 -30.99
N PHE F 79 1.69 -3.20 -29.66
CA PHE F 79 2.14 -2.13 -28.79
C PHE F 79 3.55 -2.33 -28.25
N GLY F 80 4.05 -3.57 -28.24
CA GLY F 80 5.33 -3.87 -27.64
C GLY F 80 5.17 -4.41 -26.23
N TYR F 81 6.20 -5.12 -25.77
CA TYR F 81 6.17 -5.69 -24.43
C TYR F 81 6.03 -4.61 -23.37
N ASN F 82 6.39 -3.37 -23.68
CA ASN F 82 6.31 -2.26 -22.74
C ASN F 82 5.31 -1.19 -23.17
N GLY F 83 4.36 -1.54 -24.04
CA GLY F 83 3.43 -0.55 -24.55
C GLY F 83 2.06 -0.60 -23.94
N TRP F 84 1.75 -1.64 -23.15
CA TRP F 84 0.43 -1.78 -22.57
C TRP F 84 0.54 -2.43 -21.20
N ALA F 85 -0.42 -2.10 -20.34
CA ALA F 85 -0.47 -2.60 -18.97
C ALA F 85 -1.89 -3.02 -18.66
N HIS F 86 -2.05 -4.00 -17.78
CA HIS F 86 -3.38 -4.43 -17.37
C HIS F 86 -3.43 -4.67 -15.87
N SER F 87 -4.52 -4.24 -15.25
CA SER F 87 -4.70 -4.23 -13.81
C SER F 87 -6.09 -4.76 -13.47
N ILE F 88 -6.22 -5.31 -12.27
CA ILE F 88 -7.49 -5.81 -11.76
C ILE F 88 -8.05 -4.77 -10.79
N THR F 89 -9.11 -4.09 -11.20
CA THR F 89 -9.68 -3.04 -10.36
C THR F 89 -10.41 -3.62 -9.16
N GLN F 90 -11.20 -4.67 -9.35
CA GLN F 90 -11.89 -5.32 -8.24
C GLN F 90 -12.52 -6.62 -8.71
N GLN F 91 -12.44 -7.64 -7.85
CA GLN F 91 -13.16 -8.88 -8.06
C GLN F 91 -14.17 -9.09 -6.93
N ASN F 92 -15.16 -9.92 -7.20
CA ASN F 92 -16.14 -10.29 -6.20
C ASN F 92 -16.71 -11.66 -6.52
N VAL F 93 -17.00 -12.43 -5.47
CA VAL F 93 -17.57 -13.75 -5.62
C VAL F 93 -19.08 -13.61 -5.53
N ASP F 94 -19.78 -14.00 -6.60
CA ASP F 94 -21.23 -13.85 -6.63
C ASP F 94 -21.93 -14.91 -5.80
N PHE F 95 -21.45 -16.14 -5.82
CA PHE F 95 -22.13 -17.18 -5.05
C PHE F 95 -21.29 -18.45 -5.05
N VAL F 96 -21.41 -19.20 -3.95
CA VAL F 96 -20.86 -20.55 -3.83
C VAL F 96 -22.01 -21.42 -3.34
N ASP F 97 -22.37 -22.43 -4.12
CA ASP F 97 -23.52 -23.28 -3.84
C ASP F 97 -23.09 -24.73 -3.88
N LEU F 98 -23.61 -25.51 -2.95
CA LEU F 98 -23.29 -26.93 -2.83
C LEU F 98 -24.54 -27.74 -3.08
N ASN F 99 -24.47 -28.70 -4.00
CA ASN F 99 -25.60 -29.55 -4.33
C ASN F 99 -25.08 -30.96 -4.61
N ASN F 100 -25.38 -31.89 -3.71
CA ASN F 100 -24.96 -33.28 -3.87
C ASN F 100 -23.44 -33.40 -3.95
N GLY F 101 -22.75 -32.60 -3.13
CA GLY F 101 -21.31 -32.65 -3.06
C GLY F 101 -20.58 -31.90 -4.15
N LYS F 102 -21.28 -31.19 -5.01
CA LYS F 102 -20.69 -30.47 -6.12
C LYS F 102 -20.83 -28.97 -5.89
N PHE F 103 -19.80 -28.21 -6.20
CA PHE F 103 -19.78 -26.78 -5.97
C PHE F 103 -20.01 -26.02 -7.26
N TYR F 104 -20.87 -25.01 -7.19
CA TYR F 104 -21.16 -24.13 -8.30
C TYR F 104 -20.76 -22.72 -7.90
N VAL F 105 -19.87 -22.12 -8.67
CA VAL F 105 -19.23 -20.86 -8.30
C VAL F 105 -19.36 -19.89 -9.46
N GLY F 106 -19.61 -18.64 -9.13
CA GLY F 106 -19.59 -17.58 -10.12
C GLY F 106 -18.84 -16.39 -9.61
N VAL F 107 -17.85 -15.93 -10.37
CA VAL F 107 -16.97 -14.85 -9.95
C VAL F 107 -16.93 -13.78 -11.03
N CYS F 108 -17.08 -12.54 -10.63
CA CYS F 108 -16.96 -11.39 -11.51
C CYS F 108 -15.58 -10.78 -11.37
N ALA F 109 -15.22 -9.94 -12.33
CA ALA F 109 -13.95 -9.23 -12.27
C ALA F 109 -14.02 -8.00 -13.15
N PHE F 110 -13.33 -6.95 -12.71
CA PHE F 110 -13.13 -5.73 -13.49
C PHE F 110 -11.67 -5.68 -13.88
N VAL F 111 -11.39 -5.54 -15.17
CA VAL F 111 -10.04 -5.48 -15.70
C VAL F 111 -9.88 -4.19 -16.47
N ARG F 112 -8.76 -3.51 -16.23
CA ARG F 112 -8.46 -2.24 -16.88
C ARG F 112 -7.14 -2.38 -17.65
N VAL F 113 -7.17 -2.04 -18.93
CA VAL F 113 -6.00 -2.04 -19.78
C VAL F 113 -5.64 -0.59 -20.10
N GLN F 114 -4.34 -0.29 -20.15
CA GLN F 114 -3.88 1.07 -20.35
C GLN F 114 -2.75 1.09 -21.37
N LEU F 115 -2.59 2.25 -22.01
CA LEU F 115 -1.53 2.48 -22.98
C LEU F 115 -0.60 3.57 -22.49
N LYS F 116 0.57 3.65 -23.12
CA LYS F 116 1.63 4.52 -22.64
C LYS F 116 1.19 5.98 -22.59
N ASP F 117 0.33 6.39 -23.51
CA ASP F 117 -0.10 7.78 -23.56
C ASP F 117 -1.11 8.12 -22.47
N GLY F 118 -1.87 7.13 -22.00
CA GLY F 118 -2.83 7.35 -20.94
C GLY F 118 -4.18 6.71 -21.19
N SER F 119 -4.49 6.41 -22.44
CA SER F 119 -5.79 5.87 -22.79
C SER F 119 -6.00 4.50 -22.19
N TYR F 120 -7.27 4.17 -21.93
CA TYR F 120 -7.61 2.94 -21.23
C TYR F 120 -9.01 2.51 -21.60
N HIS F 121 -9.28 1.22 -21.40
CA HIS F 121 -10.60 0.65 -21.55
C HIS F 121 -10.78 -0.41 -20.47
N GLU F 122 -11.90 -0.33 -19.75
CA GLU F 122 -12.22 -1.24 -18.67
C GLU F 122 -13.41 -2.09 -19.08
N ASP F 123 -13.35 -3.39 -18.78
CA ASP F 123 -14.46 -4.27 -19.11
C ASP F 123 -14.61 -5.31 -18.03
N VAL F 124 -15.68 -6.09 -18.14
CA VAL F 124 -16.07 -7.07 -17.14
C VAL F 124 -15.78 -8.46 -17.68
N GLY F 125 -15.42 -9.36 -16.76
CA GLY F 125 -15.27 -10.75 -17.08
C GLY F 125 -15.92 -11.59 -16.01
N TYR F 126 -16.27 -12.81 -16.38
CA TYR F 126 -17.00 -13.68 -15.47
C TYR F 126 -16.41 -15.08 -15.57
N GLY F 127 -16.31 -15.76 -14.44
CA GLY F 127 -15.81 -17.12 -14.39
C GLY F 127 -16.83 -18.04 -13.77
N VAL F 128 -16.75 -19.31 -14.14
CA VAL F 128 -17.72 -20.32 -13.71
C VAL F 128 -16.99 -21.63 -13.46
N SER F 129 -17.36 -22.29 -12.37
CA SER F 129 -17.01 -23.68 -12.14
C SER F 129 -18.29 -24.42 -11.80
N GLU F 130 -18.40 -25.67 -12.27
CA GLU F 130 -19.68 -26.36 -12.27
C GLU F 130 -19.72 -27.57 -11.35
N GLY F 131 -18.86 -28.55 -11.56
CA GLY F 131 -19.05 -29.84 -10.91
C GLY F 131 -17.85 -30.37 -10.17
N LEU F 132 -17.10 -29.49 -9.51
CA LEU F 132 -15.93 -29.88 -8.76
C LEU F 132 -16.30 -30.18 -7.31
N LYS F 133 -15.76 -31.28 -6.78
CA LYS F 133 -16.01 -31.68 -5.41
C LYS F 133 -15.14 -30.95 -4.40
N SER F 134 -14.21 -30.11 -4.86
CA SER F 134 -13.33 -29.35 -3.99
C SER F 134 -13.64 -27.86 -4.14
N LYS F 135 -13.92 -27.20 -3.02
CA LYS F 135 -14.26 -25.78 -3.10
C LYS F 135 -13.07 -24.95 -3.54
N ALA F 136 -11.88 -25.25 -3.03
CA ALA F 136 -10.71 -24.45 -3.35
C ALA F 136 -10.39 -24.48 -4.83
N LEU F 137 -10.43 -25.66 -5.44
CA LEU F 137 -10.19 -25.77 -6.87
C LEU F 137 -11.23 -24.98 -7.66
N SER F 138 -12.48 -25.02 -7.22
CA SER F 138 -13.54 -24.28 -7.91
C SER F 138 -13.29 -22.78 -7.84
N LEU F 139 -12.95 -22.28 -6.66
CA LEU F 139 -12.63 -20.85 -6.54
C LEU F 139 -11.44 -20.47 -7.42
N GLU F 140 -10.39 -21.28 -7.40
CA GLU F 140 -9.22 -20.98 -8.21
C GLU F 140 -9.58 -20.89 -9.68
N LYS F 141 -10.26 -21.92 -10.20
CA LYS F 141 -10.62 -21.95 -11.60
C LYS F 141 -11.48 -20.74 -11.95
N ALA F 142 -12.49 -20.45 -11.14
CA ALA F 142 -13.40 -19.38 -11.45
C ALA F 142 -12.69 -18.03 -11.48
N ARG F 143 -11.86 -17.76 -10.47
CA ARG F 143 -11.19 -16.47 -10.41
C ARG F 143 -10.23 -16.27 -11.56
N LYS F 144 -9.42 -17.29 -11.86
CA LYS F 144 -8.46 -17.15 -12.97
C LYS F 144 -9.18 -16.99 -14.30
N GLU F 145 -10.22 -17.80 -14.54
CA GLU F 145 -10.97 -17.68 -15.79
C GLU F 145 -11.61 -16.31 -15.91
N ALA F 146 -12.11 -15.77 -14.79
CA ALA F 146 -12.71 -14.45 -14.83
C ALA F 146 -11.69 -13.40 -15.23
N VAL F 147 -10.48 -13.47 -14.68
CA VAL F 147 -9.46 -12.48 -15.04
C VAL F 147 -9.13 -12.58 -16.53
N THR F 148 -8.95 -13.81 -17.03
CA THR F 148 -8.61 -13.98 -18.44
C THR F 148 -9.73 -13.44 -19.34
N ASP F 149 -10.99 -13.76 -19.02
CA ASP F 149 -12.10 -13.32 -19.84
C ASP F 149 -12.21 -11.79 -19.83
N GLY F 150 -12.02 -11.18 -18.67
CA GLY F 150 -12.07 -9.73 -18.61
C GLY F 150 -10.98 -9.07 -19.44
N LEU F 151 -9.76 -9.62 -19.38
CA LEU F 151 -8.68 -9.07 -20.20
C LEU F 151 -9.01 -9.20 -21.68
N LYS F 152 -9.49 -10.37 -22.09
CA LYS F 152 -9.86 -10.57 -23.49
C LYS F 152 -10.88 -9.53 -23.94
N ARG F 153 -11.89 -9.29 -23.11
CA ARG F 153 -12.94 -8.33 -23.49
C ARG F 153 -12.44 -6.90 -23.46
N ALA F 154 -11.48 -6.59 -22.59
CA ALA F 154 -10.95 -5.24 -22.53
C ALA F 154 -10.05 -4.92 -23.71
N LEU F 155 -9.31 -5.91 -24.21
CA LEU F 155 -8.46 -5.67 -25.37
C LEU F 155 -9.25 -5.52 -26.66
N ARG F 156 -10.50 -6.01 -26.69
CA ARG F 156 -11.30 -5.97 -27.90
C ARG F 156 -11.61 -4.53 -28.32
N SER F 157 -11.82 -3.66 -27.37
CA SER F 157 -12.29 -2.31 -27.64
C SER F 157 -11.26 -1.43 -28.26
N PHE F 158 -10.12 -1.92 -28.71
CA PHE F 158 -9.11 -1.08 -29.35
C PHE F 158 -9.13 -1.16 -30.87
N GLY F 159 -9.62 -2.25 -31.44
CA GLY F 159 -9.75 -2.34 -32.88
C GLY F 159 -10.21 -3.72 -33.28
N ASN F 160 -10.32 -3.91 -34.60
CA ASN F 160 -10.66 -5.21 -35.15
C ASN F 160 -9.51 -6.19 -35.02
N ALA F 161 -8.27 -5.68 -35.00
CA ALA F 161 -7.10 -6.54 -34.97
C ALA F 161 -7.00 -7.33 -33.69
N LEU F 162 -7.67 -6.89 -32.63
CA LEU F 162 -7.55 -7.51 -31.30
C LEU F 162 -8.76 -8.35 -30.94
N GLY F 163 -9.59 -8.70 -31.91
CA GLY F 163 -10.72 -9.60 -31.70
C GLY F 163 -12.08 -8.97 -31.89
N ASN F 164 -12.18 -7.70 -32.28
CA ASN F 164 -13.47 -7.03 -32.40
C ASN F 164 -14.25 -7.44 -33.63
N CYS F 165 -13.68 -8.27 -34.50
CA CYS F 165 -14.32 -8.65 -35.75
C CYS F 165 -15.01 -10.01 -35.70
N ILE F 166 -14.83 -10.77 -34.61
CA ILE F 166 -15.37 -12.12 -34.57
C ILE F 166 -16.86 -12.14 -34.25
N LEU F 167 -17.40 -11.05 -33.70
CA LEU F 167 -18.83 -10.97 -33.41
C LEU F 167 -19.63 -10.37 -34.56
N ASP F 168 -18.97 -10.03 -35.67
CA ASP F 168 -19.69 -9.55 -36.86
C ASP F 168 -20.19 -10.75 -37.67
N LYS F 169 -21.48 -10.73 -37.99
CA LYS F 169 -22.09 -11.87 -38.68
C LYS F 169 -21.54 -12.01 -40.09
N ASP F 170 -21.38 -10.89 -40.81
CA ASP F 170 -20.93 -10.97 -42.19
C ASP F 170 -19.57 -11.63 -42.30
N TYR F 171 -18.62 -11.20 -41.46
CA TYR F 171 -17.28 -11.76 -41.50
C TYR F 171 -17.29 -13.24 -41.17
N LEU F 172 -18.06 -13.63 -40.15
CA LEU F 172 -18.12 -15.04 -39.79
C LEU F 172 -18.68 -15.87 -40.93
N ARG F 173 -19.75 -15.38 -41.57
CA ARG F 173 -20.31 -16.11 -42.71
C ARG F 173 -19.29 -16.22 -43.84
N SER F 174 -18.55 -15.15 -44.09
CA SER F 174 -17.54 -15.18 -45.15
C SER F 174 -16.48 -16.23 -44.86
N LEU F 175 -15.96 -16.26 -43.64
CA LEU F 175 -14.90 -17.20 -43.32
C LEU F 175 -15.37 -18.64 -43.49
N ASN F 176 -16.58 -18.94 -43.05
CA ASN F 176 -17.13 -20.29 -43.12
C ASN F 176 -17.68 -20.57 -44.51
N VAL F 186 4.92 -26.42 -35.56
CA VAL F 186 5.81 -25.31 -35.27
C VAL F 186 7.23 -25.83 -35.06
N ASP F 187 8.17 -25.22 -35.78
CA ASP F 187 9.57 -25.64 -35.69
C ASP F 187 10.17 -25.19 -34.35
N LEU F 188 11.00 -26.05 -33.77
CA LEU F 188 11.62 -25.80 -32.49
C LEU F 188 13.14 -25.67 -32.61
N THR F 189 13.63 -25.33 -33.80
CA THR F 189 15.07 -25.17 -33.98
C THR F 189 15.58 -23.92 -33.27
N LYS F 190 14.79 -22.85 -33.25
CA LYS F 190 15.16 -21.62 -32.57
C LYS F 190 14.69 -21.55 -31.13
N ALA F 191 14.05 -22.61 -30.63
CA ALA F 191 13.54 -22.60 -29.27
C ALA F 191 14.69 -22.42 -28.27
N LYS F 192 14.46 -21.57 -27.28
CA LYS F 192 15.49 -21.30 -26.28
C LYS F 192 15.90 -22.59 -25.59
N ARG F 193 17.21 -22.82 -25.54
CA ARG F 193 17.77 -23.99 -24.87
C ARG F 193 18.81 -23.63 -23.82
N GLN F 194 19.22 -22.37 -23.74
CA GLN F 194 20.16 -21.91 -22.73
C GLN F 194 19.60 -20.67 -22.08
N ASP F 195 19.90 -20.52 -20.79
CA ASP F 195 19.43 -19.35 -20.05
C ASP F 195 20.04 -18.06 -20.62
N LEU F 196 21.36 -18.03 -20.77
CA LEU F 196 22.04 -16.78 -21.12
C LEU F 196 21.54 -16.24 -22.45
N GLU F 197 21.40 -14.92 -22.53
CA GLU F 197 20.92 -14.23 -23.72
C GLU F 197 21.97 -13.22 -24.14
N PRO F 198 22.91 -13.60 -25.01
CA PRO F 198 24.00 -12.69 -25.36
C PRO F 198 23.54 -11.36 -25.93
N SER F 199 22.50 -11.36 -26.77
CA SER F 199 22.10 -10.14 -27.47
C SER F 199 21.62 -9.07 -26.49
N VAL F 200 20.76 -9.44 -25.55
CA VAL F 200 20.24 -8.47 -24.58
C VAL F 200 21.36 -7.94 -23.70
N GLU F 201 22.21 -8.85 -23.20
CA GLU F 201 23.26 -8.42 -22.29
C GLU F 201 24.25 -7.49 -22.99
N GLU F 202 24.61 -7.77 -24.23
CA GLU F 202 25.48 -6.86 -24.96
C GLU F 202 24.77 -5.52 -25.21
N ALA F 203 23.47 -5.57 -25.50
CA ALA F 203 22.74 -4.32 -25.72
C ALA F 203 22.46 -3.58 -24.41
N ARG F 204 22.53 -4.26 -23.28
CA ARG F 204 22.19 -3.66 -21.99
C ARG F 204 23.03 -2.42 -21.71
N PHE G 26 -3.33 12.39 -21.67
CA PHE G 26 -4.78 12.01 -21.59
C PHE G 26 -5.42 12.63 -20.34
N GLY G 27 -6.01 13.81 -20.52
CA GLY G 27 -6.61 14.52 -19.41
C GLY G 27 -6.36 16.01 -19.51
N GLN G 28 -5.28 16.39 -20.21
CA GLN G 28 -4.96 17.81 -20.40
C GLN G 28 -4.48 18.10 -21.82
N CYS G 29 -4.76 17.22 -22.78
CA CYS G 29 -4.34 17.41 -24.17
C CYS G 29 -5.38 18.27 -24.88
N GLN G 30 -5.12 19.56 -24.96
CA GLN G 30 -6.06 20.48 -25.61
C GLN G 30 -6.13 20.20 -27.10
N TYR G 31 -7.34 20.26 -27.65
CA TYR G 31 -7.53 20.03 -29.08
C TYR G 31 -6.98 21.18 -29.89
N THR G 32 -6.58 20.89 -31.13
CA THR G 32 -6.19 21.91 -32.06
C THR G 32 -7.40 22.37 -32.87
N ALA G 33 -7.31 23.59 -33.41
CA ALA G 33 -8.46 24.17 -34.09
C ALA G 33 -8.89 23.33 -35.28
N GLU G 34 -7.92 22.88 -36.09
CA GLU G 34 -8.27 22.09 -37.27
C GLU G 34 -9.01 20.82 -36.87
N GLU G 35 -8.46 20.06 -35.93
CA GLU G 35 -9.12 18.83 -35.50
C GLU G 35 -10.41 19.14 -34.78
N TYR G 36 -10.48 20.24 -34.03
CA TYR G 36 -11.72 20.60 -33.37
C TYR G 36 -12.84 20.79 -34.38
N GLN G 37 -12.57 21.55 -35.44
CA GLN G 37 -13.60 21.80 -36.45
C GLN G 37 -13.92 20.54 -37.24
N ALA G 38 -12.91 19.72 -37.53
CA ALA G 38 -13.17 18.47 -38.23
C ALA G 38 -14.07 17.56 -37.41
N ILE G 39 -13.83 17.47 -36.10
CA ILE G 39 -14.68 16.66 -35.23
C ILE G 39 -16.08 17.25 -35.16
N GLN G 40 -16.18 18.57 -34.99
CA GLN G 40 -17.49 19.18 -34.82
C GLN G 40 -18.35 19.02 -36.05
N LYS G 41 -17.75 19.16 -37.24
CA LYS G 41 -18.51 18.94 -38.46
C LYS G 41 -18.81 17.45 -38.69
N ALA G 42 -17.87 16.58 -38.37
CA ALA G 42 -18.01 15.17 -38.70
C ALA G 42 -18.98 14.44 -37.81
N LEU G 43 -19.29 14.98 -36.63
CA LEU G 43 -20.20 14.30 -35.71
C LEU G 43 -21.65 14.45 -36.12
N ARG G 44 -22.01 15.55 -36.78
CA ARG G 44 -23.40 15.83 -37.10
C ARG G 44 -23.94 14.97 -38.23
N GLN G 45 -23.07 14.39 -39.05
CA GLN G 45 -23.54 13.56 -40.15
C GLN G 45 -24.37 12.41 -39.60
N ARG G 46 -25.55 12.24 -40.16
CA ARG G 46 -26.44 11.17 -39.75
C ARG G 46 -25.98 9.85 -40.37
N LEU G 47 -26.41 8.75 -39.76
CA LEU G 47 -25.91 7.44 -40.11
C LEU G 47 -26.68 6.88 -41.29
N GLY G 48 -25.97 6.40 -42.30
CA GLY G 48 -26.57 5.83 -43.48
C GLY G 48 -27.21 4.49 -43.22
N PRO G 49 -27.99 4.00 -44.20
CA PRO G 49 -28.73 2.75 -44.00
C PRO G 49 -27.84 1.54 -43.83
N GLU G 50 -26.57 1.61 -44.19
CA GLU G 50 -25.69 0.45 -44.06
C GLU G 50 -25.54 0.04 -42.59
N TYR G 51 -25.38 1.01 -41.69
CA TYR G 51 -25.13 0.68 -40.29
C TYR G 51 -26.38 0.14 -39.60
N ILE G 52 -27.51 0.81 -39.80
CA ILE G 52 -28.71 0.51 -39.02
C ILE G 52 -29.23 -0.88 -39.37
N SER G 53 -29.66 -1.60 -38.34
CA SER G 53 -30.30 -2.90 -38.48
C SER G 53 -31.52 -2.95 -37.57
N SER G 54 -32.49 -3.76 -37.97
CA SER G 54 -33.74 -3.85 -37.23
C SER G 54 -33.77 -5.09 -36.34
N LYS G 62 -40.25 -2.23 -36.82
CA LYS G 62 -39.63 -2.61 -35.56
C LYS G 62 -38.56 -1.59 -35.16
N VAL G 63 -37.83 -1.90 -34.09
CA VAL G 63 -36.83 -0.98 -33.56
C VAL G 63 -35.61 -0.98 -34.46
N CYS G 64 -35.08 0.21 -34.73
CA CYS G 64 -33.86 0.40 -35.51
C CYS G 64 -32.74 0.82 -34.58
N TYR G 65 -31.65 0.06 -34.56
CA TYR G 65 -30.58 0.25 -33.60
C TYR G 65 -29.24 0.14 -34.30
N ILE G 66 -28.17 0.08 -33.50
CA ILE G 66 -26.81 -0.05 -33.98
C ILE G 66 -26.13 -1.14 -33.16
N GLU G 67 -25.44 -2.05 -33.83
CA GLU G 67 -24.68 -3.07 -33.11
C GLU G 67 -23.52 -2.43 -32.36
N GLY G 68 -23.13 -3.06 -31.26
CA GLY G 68 -22.10 -2.49 -30.40
C GLY G 68 -20.74 -2.42 -31.06
N HIS G 69 -20.36 -3.46 -31.81
CA HIS G 69 -19.07 -3.44 -32.47
C HIS G 69 -18.99 -2.34 -33.52
N ARG G 70 -20.10 -2.07 -34.21
CA ARG G 70 -20.11 -0.95 -35.13
C ARG G 70 -19.90 0.37 -34.39
N VAL G 71 -20.48 0.51 -33.22
CA VAL G 71 -20.31 1.74 -32.45
C VAL G 71 -18.84 1.88 -32.01
N ILE G 72 -18.22 0.77 -31.59
CA ILE G 72 -16.81 0.81 -31.23
C ILE G 72 -15.96 1.22 -32.43
N ASN G 73 -16.24 0.65 -33.59
CA ASN G 73 -15.48 0.99 -34.79
C ASN G 73 -15.66 2.46 -35.15
N LEU G 74 -16.89 2.97 -35.04
CA LEU G 74 -17.13 4.38 -35.36
C LEU G 74 -16.39 5.29 -34.40
N ALA G 75 -16.37 4.93 -33.11
CA ALA G 75 -15.60 5.72 -32.14
C ALA G 75 -14.11 5.69 -32.47
N ASN G 76 -13.58 4.51 -32.81
CA ASN G 76 -12.17 4.40 -33.14
C ASN G 76 -11.81 5.23 -34.37
N GLU G 77 -12.64 5.17 -35.40
CA GLU G 77 -12.42 5.93 -36.62
C GLU G 77 -12.74 7.41 -36.45
N MET G 78 -13.39 7.80 -35.36
CA MET G 78 -13.85 9.16 -35.16
C MET G 78 -12.90 9.98 -34.31
N PHE G 79 -12.48 9.44 -33.16
CA PHE G 79 -11.53 10.10 -32.28
C PHE G 79 -10.11 9.54 -32.39
N GLY G 80 -9.97 8.30 -32.81
CA GLY G 80 -8.69 7.61 -32.78
C GLY G 80 -8.66 6.56 -31.70
N TYR G 81 -7.83 5.55 -31.92
CA TYR G 81 -7.74 4.45 -30.95
C TYR G 81 -7.26 4.93 -29.59
N ASN G 82 -6.67 6.12 -29.52
CA ASN G 82 -6.23 6.73 -28.28
C ASN G 82 -6.86 8.09 -28.07
N GLY G 83 -8.11 8.25 -28.48
CA GLY G 83 -8.81 9.51 -28.32
C GLY G 83 -9.97 9.45 -27.36
N TRP G 84 -10.33 8.24 -26.92
CA TRP G 84 -11.43 8.06 -26.00
C TRP G 84 -11.12 6.91 -25.05
N ALA G 85 -11.78 6.92 -23.90
CA ALA G 85 -11.62 5.89 -22.90
C ALA G 85 -12.95 5.67 -22.20
N HIS G 86 -13.24 4.41 -21.84
CA HIS G 86 -14.44 4.11 -21.09
C HIS G 86 -14.09 3.26 -19.88
N SER G 87 -14.87 3.45 -18.82
CA SER G 87 -14.70 2.71 -17.57
C SER G 87 -16.08 2.42 -16.99
N ILE G 88 -16.08 1.63 -15.92
CA ILE G 88 -17.31 1.25 -15.22
C ILE G 88 -17.28 1.93 -13.86
N THR G 89 -18.15 2.93 -13.67
CA THR G 89 -18.20 3.63 -12.39
C THR G 89 -18.74 2.73 -11.29
N GLN G 90 -19.81 1.99 -11.56
CA GLN G 90 -20.35 1.05 -10.58
C GLN G 90 -21.33 0.14 -11.28
N GLN G 91 -21.62 -0.99 -10.63
CA GLN G 91 -22.51 -2.00 -11.18
C GLN G 91 -23.27 -2.67 -10.05
N ASN G 92 -24.57 -2.85 -10.24
CA ASN G 92 -25.46 -3.40 -9.23
C ASN G 92 -26.27 -4.55 -9.79
N VAL G 93 -26.56 -5.52 -8.95
CA VAL G 93 -27.45 -6.63 -9.30
C VAL G 93 -28.80 -6.36 -8.67
N ASP G 94 -29.85 -6.31 -9.49
CA ASP G 94 -31.17 -5.90 -9.02
C ASP G 94 -31.95 -7.06 -8.43
N PHE G 95 -31.84 -8.26 -8.97
CA PHE G 95 -32.57 -9.40 -8.43
C PHE G 95 -32.12 -10.68 -9.11
N VAL G 96 -32.35 -11.79 -8.42
CA VAL G 96 -32.16 -13.13 -8.98
C VAL G 96 -33.32 -13.98 -8.48
N ASP G 97 -34.28 -14.25 -9.35
CA ASP G 97 -35.49 -14.97 -8.99
C ASP G 97 -35.50 -16.32 -9.70
N LEU G 98 -35.81 -17.37 -8.96
CA LEU G 98 -35.90 -18.72 -9.51
C LEU G 98 -37.36 -19.15 -9.56
N ASN G 99 -37.82 -19.52 -10.75
CA ASN G 99 -39.22 -19.89 -10.97
C ASN G 99 -39.24 -21.15 -11.82
N ASN G 100 -39.58 -22.28 -11.22
CA ASN G 100 -39.71 -23.56 -11.94
C ASN G 100 -38.40 -23.96 -12.60
N GLY G 101 -37.28 -23.69 -11.95
CA GLY G 101 -35.98 -24.06 -12.46
C GLY G 101 -35.33 -23.09 -13.41
N LYS G 102 -35.92 -21.91 -13.60
CA LYS G 102 -35.38 -20.89 -14.49
C LYS G 102 -35.06 -19.63 -13.71
N PHE G 103 -33.99 -18.95 -14.11
CA PHE G 103 -33.49 -17.79 -13.40
C PHE G 103 -33.77 -16.52 -14.18
N TYR G 104 -34.10 -15.46 -13.46
CA TYR G 104 -34.40 -14.15 -14.04
C TYR G 104 -33.56 -13.11 -13.33
N VAL G 105 -32.79 -12.34 -14.09
CA VAL G 105 -31.81 -11.43 -13.54
C VAL G 105 -31.96 -10.06 -14.16
N GLY G 106 -31.52 -9.04 -13.43
CA GLY G 106 -31.45 -7.69 -13.96
C GLY G 106 -30.28 -6.97 -13.35
N VAL G 107 -29.47 -6.31 -14.17
CA VAL G 107 -28.22 -5.71 -13.72
C VAL G 107 -28.13 -4.29 -14.26
N CYS G 108 -27.78 -3.37 -13.38
CA CYS G 108 -27.59 -1.98 -13.72
C CYS G 108 -26.10 -1.65 -13.72
N ALA G 109 -25.66 -0.94 -14.75
CA ALA G 109 -24.27 -0.56 -14.88
C ALA G 109 -24.17 0.92 -15.22
N PHE G 110 -23.26 1.61 -14.54
CA PHE G 110 -22.94 3.00 -14.85
C PHE G 110 -21.64 2.99 -15.63
N VAL G 111 -21.69 3.41 -16.89
CA VAL G 111 -20.54 3.40 -17.78
C VAL G 111 -20.20 4.84 -18.13
N ARG G 112 -18.93 5.18 -17.97
CA ARG G 112 -18.43 6.53 -18.22
C ARG G 112 -17.49 6.52 -19.42
N VAL G 113 -17.62 7.50 -20.29
CA VAL G 113 -16.80 7.62 -21.49
C VAL G 113 -16.11 8.96 -21.46
N GLN G 114 -14.79 8.95 -21.65
CA GLN G 114 -13.94 10.11 -21.50
C GLN G 114 -13.18 10.36 -22.80
N LEU G 115 -12.92 11.63 -23.08
CA LEU G 115 -12.10 12.05 -24.20
C LEU G 115 -10.76 12.56 -23.71
N LYS G 116 -9.80 12.63 -24.63
CA LYS G 116 -8.45 13.04 -24.27
C LYS G 116 -8.37 14.50 -23.85
N ASP G 117 -9.43 15.28 -24.07
CA ASP G 117 -9.44 16.69 -23.70
C ASP G 117 -9.95 16.93 -22.28
N GLY G 118 -10.76 16.02 -21.74
CA GLY G 118 -11.28 16.16 -20.39
C GLY G 118 -12.79 16.12 -20.31
N SER G 119 -13.46 15.87 -21.43
CA SER G 119 -14.91 15.81 -21.48
C SER G 119 -15.39 14.38 -21.32
N TYR G 120 -16.58 14.22 -20.74
CA TYR G 120 -17.10 12.90 -20.44
C TYR G 120 -18.61 12.93 -20.45
N HIS G 121 -19.21 11.75 -20.60
CA HIS G 121 -20.64 11.54 -20.44
C HIS G 121 -20.84 10.21 -19.77
N GLU G 122 -21.59 10.20 -18.67
CA GLU G 122 -21.94 8.99 -17.97
C GLU G 122 -23.39 8.63 -18.27
N ASP G 123 -23.65 7.35 -18.50
CA ASP G 123 -25.00 6.91 -18.76
C ASP G 123 -25.18 5.49 -18.24
N VAL G 124 -26.43 5.11 -18.06
CA VAL G 124 -26.80 3.86 -17.43
C VAL G 124 -27.20 2.86 -18.49
N GLY G 125 -26.99 1.58 -18.18
CA GLY G 125 -27.37 0.51 -19.07
C GLY G 125 -27.87 -0.67 -18.26
N TYR G 126 -28.66 -1.50 -18.92
CA TYR G 126 -29.35 -2.59 -18.26
C TYR G 126 -29.14 -3.88 -19.01
N GLY G 127 -29.19 -4.98 -18.27
CA GLY G 127 -29.03 -6.29 -18.85
C GLY G 127 -30.00 -7.26 -18.21
N VAL G 128 -30.47 -8.20 -19.02
CA VAL G 128 -31.54 -9.11 -18.62
C VAL G 128 -31.19 -10.51 -19.07
N SER G 129 -31.49 -11.49 -18.25
CA SER G 129 -31.39 -12.89 -18.63
C SER G 129 -32.61 -13.62 -18.10
N GLU G 130 -33.19 -14.47 -18.94
CA GLU G 130 -34.42 -15.16 -18.58
C GLU G 130 -34.41 -16.54 -19.23
N GLY G 131 -34.92 -17.52 -18.50
CA GLY G 131 -35.11 -18.85 -19.04
C GLY G 131 -33.90 -19.76 -18.97
N LEU G 132 -32.81 -19.32 -18.35
CA LEU G 132 -31.61 -20.14 -18.26
C LEU G 132 -31.65 -20.99 -17.00
N LYS G 133 -31.28 -22.26 -17.16
CA LYS G 133 -31.26 -23.20 -16.06
C LYS G 133 -30.04 -23.05 -15.16
N SER G 134 -29.10 -22.18 -15.52
CA SER G 134 -27.87 -21.97 -14.76
C SER G 134 -27.82 -20.53 -14.26
N LYS G 135 -27.49 -20.37 -12.98
CA LYS G 135 -27.42 -19.04 -12.39
C LYS G 135 -26.17 -18.28 -12.82
N ALA G 136 -25.03 -18.97 -12.91
CA ALA G 136 -23.79 -18.30 -13.28
C ALA G 136 -23.83 -17.79 -14.72
N LEU G 137 -24.35 -18.61 -15.63
CA LEU G 137 -24.50 -18.15 -17.01
C LEU G 137 -25.43 -16.95 -17.09
N SER G 138 -26.50 -16.97 -16.30
CA SER G 138 -27.45 -15.86 -16.31
C SER G 138 -26.78 -14.58 -15.83
N LEU G 139 -26.02 -14.66 -14.73
CA LEU G 139 -25.32 -13.49 -14.23
C LEU G 139 -24.31 -12.96 -15.25
N GLU G 140 -23.57 -13.87 -15.88
CA GLU G 140 -22.58 -13.45 -16.87
C GLU G 140 -23.25 -12.70 -18.01
N LYS G 141 -24.28 -13.30 -18.60
CA LYS G 141 -24.98 -12.66 -19.71
C LYS G 141 -25.51 -11.30 -19.30
N ALA G 142 -26.13 -11.21 -18.13
CA ALA G 142 -26.73 -9.96 -17.70
C ALA G 142 -25.67 -8.87 -17.53
N ARG G 143 -24.58 -9.20 -16.85
CA ARG G 143 -23.56 -8.19 -16.58
C ARG G 143 -22.93 -7.68 -17.86
N LYS G 144 -22.58 -8.60 -18.77
CA LYS G 144 -21.96 -8.17 -20.01
C LYS G 144 -22.91 -7.35 -20.87
N GLU G 145 -24.18 -7.77 -20.95
CA GLU G 145 -25.15 -6.99 -21.70
C GLU G 145 -25.30 -5.59 -21.13
N ALA G 146 -25.34 -5.49 -19.80
CA ALA G 146 -25.51 -4.18 -19.18
C ALA G 146 -24.33 -3.28 -19.53
N VAL G 147 -23.11 -3.82 -19.49
CA VAL G 147 -21.94 -3.00 -19.79
C VAL G 147 -21.98 -2.53 -21.25
N THR G 148 -22.30 -3.45 -22.17
CA THR G 148 -22.34 -3.07 -23.58
C THR G 148 -23.38 -1.99 -23.82
N ASP G 149 -24.57 -2.14 -23.22
CA ASP G 149 -25.64 -1.17 -23.42
C ASP G 149 -25.26 0.19 -22.86
N GLY G 150 -24.67 0.22 -21.67
CA GLY G 150 -24.23 1.48 -21.13
C GLY G 150 -23.21 2.16 -22.02
N LEU G 151 -22.29 1.37 -22.58
CA LEU G 151 -21.31 1.91 -23.51
C LEU G 151 -21.98 2.53 -24.72
N LYS G 152 -22.91 1.80 -25.34
CA LYS G 152 -23.64 2.33 -26.49
C LYS G 152 -24.29 3.66 -26.14
N ARG G 153 -25.04 3.68 -25.05
CA ARG G 153 -25.88 4.83 -24.76
C ARG G 153 -25.07 6.00 -24.23
N ALA G 154 -23.84 5.77 -23.78
CA ALA G 154 -22.98 6.87 -23.34
C ALA G 154 -22.35 7.62 -24.50
N LEU G 155 -22.05 6.92 -25.61
CA LEU G 155 -21.41 7.57 -26.75
C LEU G 155 -22.39 8.43 -27.53
N ARG G 156 -23.68 8.09 -27.49
CA ARG G 156 -24.67 8.83 -28.27
C ARG G 156 -24.68 10.30 -27.92
N SER G 157 -24.40 10.64 -26.67
CA SER G 157 -24.48 12.04 -26.25
C SER G 157 -23.49 12.92 -26.98
N PHE G 158 -22.47 12.32 -27.62
CA PHE G 158 -21.42 13.12 -28.24
C PHE G 158 -21.89 13.76 -29.54
N GLY G 159 -22.62 13.01 -30.36
CA GLY G 159 -23.12 13.58 -31.60
C GLY G 159 -24.01 12.60 -32.34
N ASN G 160 -24.59 13.09 -33.43
CA ASN G 160 -25.48 12.27 -34.25
C ASN G 160 -24.74 11.16 -34.96
N ALA G 161 -23.47 11.35 -35.28
CA ALA G 161 -22.73 10.35 -36.05
C ALA G 161 -22.73 9.00 -35.35
N LEU G 162 -22.75 9.00 -34.02
CA LEU G 162 -22.60 7.79 -33.23
C LEU G 162 -23.92 7.11 -32.89
N GLY G 163 -25.06 7.75 -33.16
CA GLY G 163 -26.34 7.10 -32.93
C GLY G 163 -27.48 7.97 -32.44
N ASN G 164 -27.19 9.24 -32.11
CA ASN G 164 -28.24 10.12 -31.60
C ASN G 164 -29.41 10.20 -32.57
N CYS G 165 -29.15 10.05 -33.86
CA CYS G 165 -30.21 9.98 -34.87
C CYS G 165 -30.62 8.52 -35.06
N ILE G 166 -31.26 7.98 -34.01
CA ILE G 166 -31.83 6.64 -34.04
C ILE G 166 -33.23 6.59 -33.45
N LEU G 167 -33.75 7.70 -32.96
CA LEU G 167 -35.08 7.72 -32.36
C LEU G 167 -35.77 9.06 -32.62
N TYR H 36 -16.91 34.10 -27.88
CA TYR H 36 -16.74 35.05 -26.75
C TYR H 36 -17.86 36.09 -26.76
N GLN H 37 -18.69 36.06 -25.71
CA GLN H 37 -19.81 36.97 -25.49
C GLN H 37 -20.99 36.67 -26.40
N ALA H 38 -20.86 35.73 -27.35
CA ALA H 38 -21.96 35.42 -28.24
C ALA H 38 -23.00 34.55 -27.56
N ILE H 39 -22.57 33.62 -26.71
CA ILE H 39 -23.51 32.71 -26.07
C ILE H 39 -24.42 33.46 -25.10
N GLN H 40 -23.88 34.48 -24.44
CA GLN H 40 -24.70 35.24 -23.49
C GLN H 40 -25.94 35.81 -24.16
N LYS H 41 -25.86 36.09 -25.46
CA LYS H 41 -27.02 36.58 -26.21
C LYS H 41 -27.74 35.49 -26.99
N ALA H 42 -27.09 34.34 -27.22
CA ALA H 42 -27.67 33.25 -27.98
C ALA H 42 -28.45 32.28 -27.11
N LEU H 43 -28.52 32.53 -25.81
CA LEU H 43 -29.27 31.67 -24.90
C LEU H 43 -30.69 32.12 -24.68
N ARG H 44 -30.98 33.41 -24.91
CA ARG H 44 -32.31 33.95 -24.62
C ARG H 44 -33.33 33.55 -25.67
N GLN H 45 -32.91 33.31 -26.90
CA GLN H 45 -33.84 33.02 -27.98
C GLN H 45 -34.54 31.68 -27.77
N ARG H 46 -35.82 31.65 -28.12
CA ARG H 46 -36.63 30.44 -28.06
C ARG H 46 -37.27 30.20 -29.42
N LEU H 47 -37.50 28.93 -29.74
CA LEU H 47 -38.05 28.58 -31.04
C LEU H 47 -38.94 27.36 -30.89
N GLY H 48 -39.84 27.19 -31.86
CA GLY H 48 -40.74 26.05 -31.88
C GLY H 48 -41.35 25.81 -33.26
N TYR H 65 -42.75 21.01 -23.94
CA TYR H 65 -42.26 19.67 -24.25
C TYR H 65 -41.12 19.73 -25.28
N ILE H 66 -40.14 18.86 -25.10
CA ILE H 66 -38.98 18.79 -25.99
C ILE H 66 -38.37 17.41 -25.87
N GLU H 67 -38.14 16.75 -27.00
CA GLU H 67 -37.61 15.39 -26.97
C GLU H 67 -36.15 15.38 -26.54
N GLY H 68 -35.72 14.26 -25.95
CA GLY H 68 -34.38 14.21 -25.40
C GLY H 68 -33.30 14.41 -26.46
N HIS H 69 -33.45 13.72 -27.59
CA HIS H 69 -32.46 13.84 -28.64
C HIS H 69 -32.32 15.27 -29.11
N ARG H 70 -33.42 16.02 -29.15
CA ARG H 70 -33.35 17.38 -29.67
C ARG H 70 -32.62 18.31 -28.72
N VAL H 71 -32.86 18.16 -27.41
CA VAL H 71 -32.12 18.97 -26.44
C VAL H 71 -30.66 18.58 -26.42
N ILE H 72 -30.33 17.30 -26.64
CA ILE H 72 -28.93 16.91 -26.76
C ILE H 72 -28.31 17.60 -27.97
N ASN H 73 -29.01 17.57 -29.10
CA ASN H 73 -28.48 18.15 -30.33
C ASN H 73 -28.24 19.64 -30.17
N LEU H 74 -29.18 20.34 -29.54
CA LEU H 74 -28.96 21.77 -29.28
C LEU H 74 -27.87 21.99 -28.26
N ALA H 75 -27.70 21.06 -27.31
CA ALA H 75 -26.59 21.16 -26.38
C ALA H 75 -25.26 21.04 -27.11
N ASN H 76 -25.16 20.10 -28.04
CA ASN H 76 -23.93 19.88 -28.79
C ASN H 76 -23.55 21.06 -29.66
N GLU H 77 -24.47 22.00 -29.91
CA GLU H 77 -24.22 23.10 -30.81
C GLU H 77 -23.75 24.37 -30.09
N MET H 78 -24.46 24.81 -29.07
CA MET H 78 -24.05 26.04 -28.37
C MET H 78 -22.68 25.89 -27.74
N PHE H 79 -22.43 24.77 -27.07
CA PHE H 79 -21.19 24.57 -26.34
C PHE H 79 -20.15 23.78 -27.12
N GLY H 80 -20.58 22.90 -28.00
CA GLY H 80 -19.67 22.00 -28.69
C GLY H 80 -19.61 20.64 -28.03
N TYR H 81 -19.13 19.66 -28.80
CA TYR H 81 -19.03 18.31 -28.28
C TYR H 81 -18.10 18.23 -27.07
N ASN H 82 -17.20 19.19 -26.93
CA ASN H 82 -16.25 19.25 -25.82
C ASN H 82 -16.48 20.45 -24.92
N GLY H 83 -17.72 20.94 -24.86
CA GLY H 83 -18.04 22.11 -24.05
C GLY H 83 -18.95 21.81 -22.88
N TRP H 84 -19.51 20.60 -22.82
CA TRP H 84 -20.41 20.23 -21.74
C TRP H 84 -20.26 18.76 -21.41
N ALA H 85 -20.49 18.42 -20.15
CA ALA H 85 -20.44 17.05 -19.68
C ALA H 85 -21.58 16.82 -18.70
N HIS H 86 -22.03 15.58 -18.59
CA HIS H 86 -23.04 15.24 -17.59
C HIS H 86 -22.66 13.94 -16.91
N SER H 87 -23.19 13.75 -15.70
CA SER H 87 -22.89 12.58 -14.89
C SER H 87 -24.11 12.21 -14.06
N ILE H 88 -24.14 10.96 -13.62
CA ILE H 88 -25.16 10.45 -12.73
C ILE H 88 -24.60 10.42 -11.31
N THR H 89 -25.31 11.05 -10.37
CA THR H 89 -24.86 11.12 -8.99
C THR H 89 -25.52 10.06 -8.10
N GLN H 90 -26.80 9.78 -8.30
CA GLN H 90 -27.48 8.77 -7.48
C GLN H 90 -28.67 8.20 -8.24
N GLN H 91 -28.99 6.95 -7.93
CA GLN H 91 -30.25 6.34 -8.32
C GLN H 91 -30.85 5.60 -7.14
N ASN H 92 -32.17 5.64 -7.05
CA ASN H 92 -32.89 5.02 -5.94
C ASN H 92 -34.19 4.43 -6.45
N VAL H 93 -34.33 3.12 -6.36
CA VAL H 93 -35.58 2.44 -6.71
C VAL H 93 -36.54 2.67 -5.56
N ASP H 94 -37.40 3.69 -5.68
CA ASP H 94 -38.28 4.05 -4.57
C ASP H 94 -39.26 2.93 -4.23
N PHE H 95 -39.83 2.28 -5.25
CA PHE H 95 -40.75 1.19 -4.98
C PHE H 95 -40.90 0.30 -6.20
N VAL H 96 -41.15 -0.98 -5.94
CA VAL H 96 -41.51 -1.96 -6.94
C VAL H 96 -42.67 -2.77 -6.39
N ASP H 97 -43.77 -2.85 -7.13
CA ASP H 97 -45.00 -3.48 -6.66
C ASP H 97 -45.51 -4.44 -7.72
N LEU H 98 -46.21 -5.48 -7.27
CA LEU H 98 -46.79 -6.48 -8.15
C LEU H 98 -48.28 -6.59 -7.89
N ASN H 99 -49.07 -6.48 -8.96
CA ASN H 99 -50.53 -6.61 -8.87
C ASN H 99 -51.05 -7.29 -10.12
N ASN H 100 -51.82 -8.35 -9.94
CA ASN H 100 -52.50 -9.03 -11.04
C ASN H 100 -51.50 -9.50 -12.10
N GLY H 101 -50.29 -9.85 -11.68
CA GLY H 101 -49.26 -10.27 -12.62
C GLY H 101 -48.58 -9.14 -13.35
N LYS H 102 -48.84 -7.89 -12.99
CA LYS H 102 -48.23 -6.74 -13.62
C LYS H 102 -47.47 -5.94 -12.58
N PHE H 103 -46.34 -5.37 -12.98
CA PHE H 103 -45.44 -4.68 -12.07
C PHE H 103 -45.52 -3.18 -12.26
N TYR H 104 -45.22 -2.45 -11.20
CA TYR H 104 -45.25 -1.00 -11.19
C TYR H 104 -44.01 -0.48 -10.49
N VAL H 105 -43.27 0.41 -11.14
CA VAL H 105 -41.97 0.83 -10.68
C VAL H 105 -41.91 2.35 -10.69
N GLY H 106 -41.06 2.89 -9.83
CA GLY H 106 -40.80 4.31 -9.78
C GLY H 106 -39.38 4.54 -9.31
N VAL H 107 -38.60 5.32 -10.05
CA VAL H 107 -37.18 5.49 -9.81
C VAL H 107 -36.82 6.96 -9.87
N CYS H 108 -35.94 7.38 -8.98
CA CYS H 108 -35.39 8.72 -8.97
C CYS H 108 -33.93 8.68 -9.43
N ALA H 109 -33.44 9.83 -9.86
CA ALA H 109 -32.08 9.92 -10.36
C ALA H 109 -31.56 11.34 -10.17
N PHE H 110 -30.28 11.45 -9.85
CA PHE H 110 -29.61 12.74 -9.72
C PHE H 110 -28.63 12.88 -10.87
N VAL H 111 -28.80 13.93 -11.67
CA VAL H 111 -27.99 14.16 -12.86
C VAL H 111 -27.33 15.52 -12.73
N ARG H 112 -26.02 15.56 -12.95
CA ARG H 112 -25.21 16.75 -12.82
C ARG H 112 -24.63 17.10 -14.18
N VAL H 113 -24.72 18.37 -14.55
CA VAL H 113 -24.26 18.85 -15.85
C VAL H 113 -23.31 20.01 -15.60
N GLN H 114 -22.11 19.92 -16.16
CA GLN H 114 -21.06 20.92 -15.94
C GLN H 114 -20.54 21.42 -17.27
N LEU H 115 -20.46 22.74 -17.40
CA LEU H 115 -19.71 23.34 -18.48
C LEU H 115 -18.25 23.40 -18.10
N LYS H 116 -17.38 23.27 -19.10
CA LYS H 116 -15.95 23.29 -18.82
C LYS H 116 -15.49 24.59 -18.20
N ASP H 117 -16.28 25.66 -18.32
CA ASP H 117 -15.97 26.87 -17.58
C ASP H 117 -16.00 26.62 -16.08
N GLY H 118 -16.79 25.65 -15.63
CA GLY H 118 -16.90 25.33 -14.22
C GLY H 118 -18.33 25.27 -13.73
N SER H 119 -19.17 26.17 -14.26
CA SER H 119 -20.55 26.26 -13.80
C SER H 119 -21.28 24.94 -14.02
N TYR H 120 -22.13 24.59 -13.08
CA TYR H 120 -22.87 23.34 -13.15
C TYR H 120 -24.20 23.49 -12.45
N HIS H 121 -25.14 22.61 -12.79
CA HIS H 121 -26.45 22.58 -12.17
C HIS H 121 -26.87 21.14 -12.05
N GLU H 122 -27.04 20.67 -10.82
CA GLU H 122 -27.56 19.34 -10.56
C GLU H 122 -29.07 19.44 -10.36
N ASP H 123 -29.80 18.54 -11.01
CA ASP H 123 -31.24 18.52 -10.90
C ASP H 123 -31.71 17.08 -10.77
N VAL H 124 -33.03 16.90 -10.70
CA VAL H 124 -33.62 15.60 -10.38
C VAL H 124 -34.56 15.19 -11.49
N GLY H 125 -34.76 13.89 -11.61
CA GLY H 125 -35.68 13.36 -12.59
C GLY H 125 -36.27 12.07 -12.07
N TYR H 126 -37.38 11.69 -12.67
CA TYR H 126 -38.15 10.55 -12.20
C TYR H 126 -38.60 9.70 -13.39
N GLY H 127 -38.88 8.45 -13.12
CA GLY H 127 -39.30 7.53 -14.17
C GLY H 127 -40.26 6.52 -13.62
N VAL H 128 -41.19 6.09 -14.47
CA VAL H 128 -42.26 5.18 -14.08
C VAL H 128 -42.40 4.11 -15.14
N SER H 129 -42.97 2.98 -14.74
CA SER H 129 -43.24 1.89 -15.66
C SER H 129 -44.42 1.10 -15.08
N GLU H 130 -45.59 1.31 -15.65
CA GLU H 130 -46.83 0.76 -15.11
C GLU H 130 -47.40 -0.28 -16.05
N GLY H 131 -47.94 -1.35 -15.48
CA GLY H 131 -48.67 -2.34 -16.25
C GLY H 131 -47.84 -3.10 -17.26
N LEU H 132 -46.67 -3.56 -16.84
CA LEU H 132 -45.76 -4.31 -17.71
C LEU H 132 -45.33 -5.58 -16.99
N LYS H 133 -45.59 -6.72 -17.61
CA LYS H 133 -45.10 -7.98 -17.07
C LYS H 133 -43.57 -8.01 -17.13
N SER H 134 -42.98 -8.81 -16.24
CA SER H 134 -41.53 -8.93 -16.14
C SER H 134 -40.93 -7.69 -15.48
N LYS H 135 -39.98 -7.90 -14.57
CA LYS H 135 -39.43 -6.83 -13.76
C LYS H 135 -38.28 -6.10 -14.46
N ALA H 136 -37.49 -6.84 -15.25
CA ALA H 136 -36.29 -6.25 -15.83
C ALA H 136 -36.64 -5.14 -16.80
N LEU H 137 -37.64 -5.35 -17.67
CA LEU H 137 -38.05 -4.30 -18.58
C LEU H 137 -38.54 -3.09 -17.81
N SER H 138 -39.28 -3.33 -16.73
CA SER H 138 -39.80 -2.24 -15.92
C SER H 138 -38.68 -1.39 -15.35
N LEU H 139 -37.70 -2.05 -14.71
CA LEU H 139 -36.58 -1.35 -14.11
C LEU H 139 -35.76 -0.61 -15.16
N GLU H 140 -35.53 -1.25 -16.30
CA GLU H 140 -34.78 -0.62 -17.38
C GLU H 140 -35.46 0.67 -17.82
N LYS H 141 -36.74 0.58 -18.14
CA LYS H 141 -37.47 1.75 -18.63
C LYS H 141 -37.43 2.86 -17.60
N ALA H 142 -37.70 2.52 -16.34
CA ALA H 142 -37.75 3.54 -15.30
C ALA H 142 -36.40 4.23 -15.13
N ARG H 143 -35.32 3.45 -15.06
CA ARG H 143 -34.00 4.05 -14.83
C ARG H 143 -33.61 4.95 -15.99
N LYS H 144 -33.79 4.48 -17.22
CA LYS H 144 -33.37 5.28 -18.37
C LYS H 144 -34.19 6.54 -18.50
N GLU H 145 -35.51 6.43 -18.30
CA GLU H 145 -36.37 7.61 -18.37
C GLU H 145 -36.02 8.59 -17.27
N ALA H 146 -35.65 8.09 -16.09
CA ALA H 146 -35.22 8.97 -15.01
C ALA H 146 -33.97 9.75 -15.40
N VAL H 147 -32.99 9.07 -15.98
CA VAL H 147 -31.74 9.75 -16.35
C VAL H 147 -32.02 10.80 -17.42
N THR H 148 -32.82 10.44 -18.42
CA THR H 148 -33.13 11.39 -19.49
C THR H 148 -33.85 12.62 -18.94
N ASP H 149 -34.83 12.40 -18.05
CA ASP H 149 -35.59 13.52 -17.50
C ASP H 149 -34.70 14.43 -16.65
N GLY H 150 -33.84 13.83 -15.84
CA GLY H 150 -32.92 14.64 -15.06
C GLY H 150 -32.01 15.46 -15.94
N LEU H 151 -31.56 14.88 -17.05
CA LEU H 151 -30.73 15.61 -17.99
C LEU H 151 -31.50 16.76 -18.63
N LYS H 152 -32.74 16.51 -19.04
CA LYS H 152 -33.57 17.56 -19.63
C LYS H 152 -33.70 18.73 -18.66
N ARG H 153 -34.03 18.44 -17.41
CA ARG H 153 -34.29 19.50 -16.45
C ARG H 153 -33.01 20.19 -15.99
N ALA H 154 -31.88 19.48 -16.02
CA ALA H 154 -30.61 20.09 -15.62
C ALA H 154 -30.19 21.17 -16.60
N LEU H 155 -30.35 20.92 -17.90
CA LEU H 155 -29.83 21.84 -18.91
C LEU H 155 -30.62 23.14 -18.98
N ARG H 156 -31.87 23.14 -18.52
CA ARG H 156 -32.73 24.31 -18.68
C ARG H 156 -32.29 25.49 -17.84
N SER H 157 -31.38 25.29 -16.88
CA SER H 157 -31.05 26.33 -15.93
C SER H 157 -30.06 27.36 -16.47
N PHE H 158 -29.49 27.11 -17.65
CA PHE H 158 -28.46 27.98 -18.20
C PHE H 158 -29.02 29.10 -19.05
N GLY H 159 -30.32 29.11 -19.30
CA GLY H 159 -30.91 30.15 -20.13
C GLY H 159 -32.13 29.63 -20.86
N ASN H 160 -32.76 30.53 -21.60
CA ASN H 160 -34.02 30.19 -22.27
C ASN H 160 -33.81 29.23 -23.44
N ALA H 161 -32.67 29.33 -24.14
CA ALA H 161 -32.51 28.62 -25.40
C ALA H 161 -32.70 27.12 -25.23
N LEU H 162 -32.07 26.54 -24.22
CA LEU H 162 -32.17 25.10 -24.00
C LEU H 162 -33.55 24.70 -23.52
N GLU I 67 -38.73 32.53 -10.83
CA GLU I 67 -37.99 31.69 -11.82
C GLU I 67 -36.51 32.00 -11.82
N GLY I 68 -35.73 31.14 -12.49
CA GLY I 68 -34.30 31.34 -12.59
C GLY I 68 -33.87 32.42 -13.56
N HIS I 69 -34.81 32.97 -14.34
CA HIS I 69 -34.46 33.97 -15.33
C HIS I 69 -33.92 35.24 -14.68
N ARG I 70 -34.55 35.68 -13.58
CA ARG I 70 -34.08 36.89 -12.92
C ARG I 70 -32.64 36.73 -12.43
N VAL I 71 -32.34 35.59 -11.81
CA VAL I 71 -31.01 35.39 -11.26
C VAL I 71 -30.00 35.21 -12.40
N ILE I 72 -30.38 34.48 -13.46
CA ILE I 72 -29.43 34.26 -14.53
C ILE I 72 -29.11 35.56 -15.24
N ASN I 73 -30.09 36.44 -15.36
CA ASN I 73 -29.84 37.76 -15.94
C ASN I 73 -28.96 38.59 -15.02
N LEU I 74 -29.30 38.65 -13.74
CA LEU I 74 -28.53 39.48 -12.81
C LEU I 74 -27.16 38.89 -12.54
N ALA I 75 -27.10 37.58 -12.27
CA ALA I 75 -25.83 36.96 -11.87
C ALA I 75 -24.80 37.06 -12.98
N ASN I 76 -25.15 36.61 -14.19
CA ASN I 76 -24.23 36.64 -15.30
C ASN I 76 -24.09 38.05 -15.85
N TRP I 84 -23.39 31.87 -11.56
CA TRP I 84 -24.06 31.19 -10.45
C TRP I 84 -24.31 29.72 -10.78
N ALA I 85 -24.10 28.86 -9.78
CA ALA I 85 -24.33 27.44 -9.92
C ALA I 85 -25.01 26.93 -8.66
N HIS I 86 -25.78 25.85 -8.79
CA HIS I 86 -26.53 25.32 -7.68
C HIS I 86 -26.40 23.81 -7.62
N SER I 87 -26.19 23.29 -6.42
CA SER I 87 -26.02 21.88 -6.16
C SER I 87 -27.22 21.35 -5.36
N ILE I 88 -27.19 20.05 -5.11
CA ILE I 88 -28.23 19.41 -4.31
C ILE I 88 -27.59 18.32 -3.46
N PHE I 95 -36.48 13.76 3.77
CA PHE I 95 -37.27 12.61 4.21
C PHE I 95 -38.48 12.40 3.29
N VAL I 96 -39.51 11.74 3.80
CA VAL I 96 -40.76 11.50 3.09
C VAL I 96 -41.88 11.36 4.13
N ASP I 97 -43.12 11.31 3.65
CA ASP I 97 -44.25 10.91 4.47
C ASP I 97 -44.93 9.66 3.95
N LEU I 98 -45.33 9.66 2.68
CA LEU I 98 -46.04 8.52 2.12
C LEU I 98 -47.36 8.30 2.85
N ASN I 100 -50.34 7.80 2.94
CA ASN I 100 -50.93 7.11 1.80
C ASN I 100 -51.77 8.07 0.97
N GLY I 101 -51.30 8.34 -0.26
CA GLY I 101 -51.99 9.24 -1.17
C GLY I 101 -51.60 10.70 -1.04
N LYS I 102 -50.83 11.05 -0.02
CA LYS I 102 -50.35 12.41 0.20
C LYS I 102 -48.87 12.33 0.50
N PHE I 103 -48.11 13.32 0.03
CA PHE I 103 -46.66 13.24 0.06
C PHE I 103 -46.05 14.56 0.48
N TYR I 104 -44.83 14.48 1.01
CA TYR I 104 -44.05 15.64 1.42
C TYR I 104 -42.63 15.18 1.64
N VAL I 105 -41.66 15.86 1.05
CA VAL I 105 -40.28 15.39 1.06
C VAL I 105 -39.34 16.54 1.37
N GLY I 106 -38.14 16.16 1.81
CA GLY I 106 -37.10 17.14 2.11
C GLY I 106 -36.50 17.73 0.86
N VAL I 107 -35.33 18.36 0.98
CA VAL I 107 -34.80 19.18 -0.09
C VAL I 107 -33.35 18.79 -0.44
N CYS I 108 -32.45 18.88 0.54
CA CYS I 108 -31.02 18.66 0.31
C CYS I 108 -30.48 19.59 -0.79
N ALA I 109 -31.02 20.81 -0.90
CA ALA I 109 -30.66 21.72 -1.98
C ALA I 109 -29.71 22.80 -1.48
N PHE I 110 -28.62 23.01 -2.19
CA PHE I 110 -27.62 24.01 -1.90
C PHE I 110 -27.50 24.96 -3.08
N VAL I 111 -26.68 26.00 -2.91
CA VAL I 111 -26.42 26.97 -3.97
C VAL I 111 -25.02 27.52 -3.78
N ARG I 112 -24.38 27.88 -4.88
CA ARG I 112 -23.01 28.38 -4.87
C ARG I 112 -22.92 29.59 -5.79
N VAL I 113 -22.07 30.54 -5.42
CA VAL I 113 -21.95 31.79 -6.15
C VAL I 113 -23.33 32.40 -6.36
N TYR I 120 -17.51 34.96 -4.37
CA TYR I 120 -18.72 34.90 -3.57
C TYR I 120 -18.85 33.52 -2.92
N HIS I 121 -19.61 33.44 -1.85
CA HIS I 121 -19.75 32.20 -1.07
C HIS I 121 -21.17 31.69 -1.16
N GLU I 122 -21.38 30.51 -0.58
CA GLU I 122 -22.63 29.79 -0.69
C GLU I 122 -23.62 30.19 0.40
N ASP I 123 -24.90 30.02 0.09
CA ASP I 123 -25.97 30.19 1.07
C ASP I 123 -26.99 29.09 0.83
N VAL I 124 -27.29 28.36 1.88
CA VAL I 124 -28.14 27.17 1.80
C VAL I 124 -29.53 27.51 2.32
N GLY I 125 -30.52 26.80 1.79
CA GLY I 125 -31.88 26.90 2.27
C GLY I 125 -32.52 25.53 2.31
N TYR I 126 -33.83 25.48 2.51
CA TYR I 126 -34.56 24.22 2.52
C TYR I 126 -35.91 24.40 1.86
N GLY I 127 -36.48 23.29 1.38
CA GLY I 127 -37.67 23.35 0.57
C GLY I 127 -38.71 22.33 1.02
N VAL I 128 -39.94 22.56 0.58
CA VAL I 128 -41.10 21.77 0.97
C VAL I 128 -41.76 21.24 -0.29
N SER I 129 -42.69 20.31 -0.13
CA SER I 129 -43.28 19.62 -1.27
C SER I 129 -44.80 19.65 -1.14
N GLU I 130 -45.46 18.89 -2.00
CA GLU I 130 -46.91 18.79 -2.02
C GLU I 130 -47.34 17.69 -2.99
N SER I 134 -47.87 11.68 -5.74
CA SER I 134 -46.77 11.27 -6.59
C SER I 134 -45.45 11.81 -6.03
N LYS I 135 -44.43 10.94 -6.00
CA LYS I 135 -43.14 11.34 -5.46
C LYS I 135 -42.44 12.34 -6.37
N ALA I 136 -42.61 12.18 -7.68
CA ALA I 136 -41.93 13.06 -8.63
C ALA I 136 -42.33 14.51 -8.39
N LEU I 137 -43.63 14.77 -8.26
CA LEU I 137 -44.12 16.11 -8.04
C LEU I 137 -43.55 16.70 -6.75
N SER I 138 -43.52 15.88 -5.70
CA SER I 138 -43.02 16.35 -4.42
C SER I 138 -41.55 16.73 -4.49
N LEU I 139 -40.71 15.84 -5.04
CA LEU I 139 -39.28 16.13 -5.14
C LEU I 139 -39.03 17.36 -6.01
N GLU I 140 -39.72 17.45 -7.15
CA GLU I 140 -39.51 18.59 -8.04
C GLU I 140 -39.91 19.89 -7.35
N LYS I 141 -41.06 19.90 -6.68
CA LYS I 141 -41.51 21.10 -5.99
C LYS I 141 -40.56 21.45 -4.85
N ALA I 142 -40.03 20.44 -4.16
CA ALA I 142 -39.04 20.69 -3.13
C ALA I 142 -37.86 21.46 -3.71
N ARG I 143 -37.39 21.01 -4.87
CA ARG I 143 -36.22 21.63 -5.46
C ARG I 143 -36.51 23.06 -5.94
N LYS I 144 -37.71 23.29 -6.49
CA LYS I 144 -38.07 24.65 -6.84
C LYS I 144 -37.89 25.60 -5.65
N GLU I 145 -38.65 25.39 -4.58
CA GLU I 145 -38.82 26.41 -3.57
C GLU I 145 -37.50 26.71 -2.85
N ALA I 146 -36.73 25.67 -2.52
CA ALA I 146 -35.49 25.89 -1.81
C ALA I 146 -34.53 26.75 -2.62
N VAL I 147 -34.44 26.48 -3.93
CA VAL I 147 -33.65 27.33 -4.80
C VAL I 147 -34.17 28.77 -4.72
N THR I 148 -35.49 28.93 -4.79
CA THR I 148 -36.07 30.26 -4.70
C THR I 148 -35.64 30.94 -3.40
N ASP I 149 -35.83 30.25 -2.27
CA ASP I 149 -35.40 30.80 -0.99
C ASP I 149 -33.90 30.98 -0.95
N GLY I 150 -33.15 30.00 -1.45
CA GLY I 150 -31.69 30.10 -1.40
C GLY I 150 -31.18 31.32 -2.13
N LEU I 151 -31.73 31.58 -3.32
CA LEU I 151 -31.30 32.74 -4.10
C LEU I 151 -31.59 34.03 -3.36
N LYS I 152 -32.74 34.10 -2.68
CA LYS I 152 -33.08 35.31 -1.93
C LYS I 152 -32.00 35.64 -0.91
N ARG I 153 -31.55 34.64 -0.15
CA ARG I 153 -30.56 34.89 0.89
C ARG I 153 -29.26 35.40 0.28
N ALA I 154 -28.86 34.82 -0.85
CA ALA I 154 -27.67 35.28 -1.57
C ALA I 154 -27.82 36.75 -1.93
N LEU I 155 -29.05 37.17 -2.21
CA LEU I 155 -29.33 38.56 -2.53
C LEU I 155 -29.44 39.38 -1.25
MG MG K . 8.99 5.46 35.64
MG MG L . 12.46 -11.22 24.67
MG MG M . 8.09 -20.54 8.37
MG MG N . -2.83 -24.61 -9.03
MG MG O . -17.93 -18.11 -20.39
#